data_9FE8
#
_entry.id   9FE8
#
_cell.length_a   63.084
_cell.length_b   116.217
_cell.length_c   190.260
_cell.angle_alpha   90.000
_cell.angle_beta   90.000
_cell.angle_gamma   90.000
#
_symmetry.space_group_name_H-M   'P 21 21 21'
#
loop_
_entity.id
_entity.type
_entity.pdbx_description
1 polymer 'NADH-quinone oxidoreductase subunit E'
2 polymer 'NADH-quinone oxidoreductase subunit F'
3 non-polymer 'FE2/S2 (INORGANIC) CLUSTER'
4 non-polymer 'SULFATE ION'
5 non-polymer 'SODIUM ION'
6 non-polymer 'IRON/SULFUR CLUSTER'
7 non-polymer 1-DEOXY-1-(7,8-DIMETHYL-2,4-DIOXO-3,4-DIHYDRO-2H-BENZO[G]PTERIDIN-1-ID-10(5H)-YL)-5-O-PHOSPHONATO-D-RIBITOL
8 non-polymer GLYCEROL
9 non-polymer '3[N-MORPHOLINO]PROPANE SULFONIC ACID'
10 water water
#
loop_
_entity_poly.entity_id
_entity_poly.type
_entity_poly.pdbx_seq_one_letter_code
_entity_poly.pdbx_strand_id
1 'polypeptide(L)'
;MFKTEFEFPEELKTKLQEHINYFPKKRQAILLCLHEIQNYYGYIPPESLKPLADMLELPLNHVEGVVAFYDMFDREDKAK
YRIRVCVSIVCHLMGTNKLLKALENILGIKPGEVTPDGKFKIVPVQCLGACSEAPVFMVNDDEYKFESEVQLNEILSRYT
;
A,C
2 'polypeptide(L)'
;MRSYPAIPRIYAETTLNMLLKRAKKPRVHSIDEYLKDGGYQALEKALNMSPEEIIDWVDKSTLRGRGGAGFPTGKKWKFA
VQNPGPRYFICNADESEPGTFKDRIIIERDPHLLIEGIIISSYAIGANEAYIYIRGEYPAGYYILRDAIEEAKKKGFLGK
NILGSGFDLEIYVARGAGAYICGEETALIESLEGKRGHPRLKPPYPVQKGLWGKPTVVNNVETIANVRFIISMGWEEYRY
IGPSDYAGPKLFPVSGKVKKPGVYELPMNTTLREVIFKYAGGTLGNKKVKAVFSGALDCFSSEELDIPMDYSPLGFGGTG
TVIVLTEEDDIVEAALKIAEFYEHETCGQCTPCRVGCYEQANLLEKIYKGEATEQDWEGFDFVNRNIQPTSICGLGAVAG
RLIRQTLEKFPEEWEKYRKKSASLPLAGHHHHHH
;
B,D
#
loop_
_chem_comp.id
_chem_comp.type
_chem_comp.name
_chem_comp.formula
FES non-polymer 'FE2/S2 (INORGANIC) CLUSTER' 'Fe2 S2'
FNR non-polymer 1-DEOXY-1-(7,8-DIMETHYL-2,4-DIOXO-3,4-DIHYDRO-2H-BENZO[G]PTERIDIN-1-ID-10(5H)-YL)-5-O-PHOSPHONATO-D-RIBITOL 'C17 H23 N4 O9 P'
GOL non-polymer GLYCEROL 'C3 H8 O3'
MPO non-polymer '3[N-MORPHOLINO]PROPANE SULFONIC ACID' 'C7 H15 N O4 S'
NA non-polymer 'SODIUM ION' 'Na 1'
SF4 non-polymer 'IRON/SULFUR CLUSTER' 'Fe4 S4'
SO4 non-polymer 'SULFATE ION' 'O4 S -2'
#
# COMPACT_ATOMS: atom_id res chain seq x y z
N GLU A 5 -2.32 -53.71 -12.58
CA GLU A 5 -1.64 -53.09 -13.76
C GLU A 5 -1.04 -51.73 -13.40
N PHE A 6 -1.68 -51.01 -12.46
CA PHE A 6 -1.30 -49.63 -12.15
C PHE A 6 0.03 -49.59 -11.39
N GLU A 7 1.07 -49.12 -12.09
CA GLU A 7 2.33 -48.69 -11.48
C GLU A 7 2.43 -47.17 -11.62
N PHE A 8 3.11 -46.53 -10.67
CA PHE A 8 3.35 -45.09 -10.73
C PHE A 8 4.41 -44.77 -11.77
N PRO A 9 4.26 -43.70 -12.59
CA PRO A 9 5.36 -43.23 -13.44
C PRO A 9 6.59 -42.95 -12.59
N GLU A 10 7.79 -43.13 -13.17
CA GLU A 10 9.03 -43.15 -12.41
C GLU A 10 9.26 -41.80 -11.71
N GLU A 11 9.18 -40.70 -12.47
CA GLU A 11 9.40 -39.36 -11.92
C GLU A 11 8.60 -39.16 -10.63
N LEU A 12 7.41 -39.78 -10.54
CA LEU A 12 6.54 -39.68 -9.37
C LEU A 12 6.97 -40.69 -8.30
N LYS A 13 7.27 -41.92 -8.70
CA LYS A 13 7.69 -42.95 -7.75
C LYS A 13 8.92 -42.45 -6.96
N THR A 14 9.85 -41.81 -7.68
CA THR A 14 11.02 -41.17 -7.09
C THR A 14 10.55 -40.16 -6.03
N LYS A 15 9.65 -39.24 -6.43
CA LYS A 15 9.21 -38.17 -5.55
C LYS A 15 8.55 -38.72 -4.28
N LEU A 16 7.80 -39.83 -4.41
CA LEU A 16 7.11 -40.46 -3.30
C LEU A 16 8.11 -41.11 -2.35
N GLN A 17 9.14 -41.75 -2.89
CA GLN A 17 10.20 -42.38 -2.10
C GLN A 17 10.96 -41.35 -1.25
N GLU A 18 11.08 -40.12 -1.76
CA GLU A 18 11.71 -39.02 -1.06
C GLU A 18 10.94 -38.77 0.24
N HIS A 19 9.63 -38.57 0.13
CA HIS A 19 8.76 -38.35 1.29
C HIS A 19 8.83 -39.51 2.30
N ILE A 20 8.82 -40.73 1.78
CA ILE A 20 8.81 -41.94 2.60
C ILE A 20 10.12 -42.09 3.37
N ASN A 21 11.19 -41.52 2.81
CA ASN A 21 12.51 -41.62 3.41
C ASN A 21 12.83 -40.43 4.32
N TYR A 22 11.96 -39.41 4.32
CA TYR A 22 12.23 -38.13 4.98
C TYR A 22 11.96 -38.19 6.48
N PHE A 23 10.80 -38.71 6.87
CA PHE A 23 10.53 -38.92 8.30
C PHE A 23 11.31 -40.15 8.80
N PRO A 24 11.51 -40.29 10.13
CA PRO A 24 12.11 -41.52 10.69
C PRO A 24 11.34 -42.80 10.36
N LYS A 25 10.01 -42.69 10.22
CA LYS A 25 9.15 -43.83 9.95
C LYS A 25 8.36 -43.58 8.67
N LYS A 26 8.20 -44.65 7.89
CA LYS A 26 7.61 -44.57 6.57
C LYS A 26 6.17 -44.05 6.67
N ARG A 27 5.37 -44.63 7.57
CA ARG A 27 3.96 -44.32 7.66
C ARG A 27 3.70 -42.83 7.85
N GLN A 28 4.68 -42.11 8.42
CA GLN A 28 4.50 -40.70 8.71
C GLN A 28 4.37 -39.88 7.43
N ALA A 29 4.70 -40.50 6.28
CA ALA A 29 4.73 -39.78 5.02
C ALA A 29 3.45 -39.92 4.17
N ILE A 30 2.37 -40.48 4.74
CA ILE A 30 1.14 -40.72 4.00
C ILE A 30 0.55 -39.41 3.42
N LEU A 31 0.47 -38.35 4.22
CA LEU A 31 -0.19 -37.14 3.75
C LEU A 31 0.60 -36.46 2.63
N LEU A 32 1.92 -36.38 2.79
CA LEU A 32 2.76 -35.77 1.77
C LEU A 32 2.65 -36.55 0.45
N CYS A 33 2.61 -37.88 0.55
CA CYS A 33 2.47 -38.75 -0.61
C CYS A 33 1.15 -38.47 -1.33
N LEU A 34 0.07 -38.38 -0.55
CA LEU A 34 -1.25 -38.12 -1.12
C LEU A 34 -1.31 -36.73 -1.75
N HIS A 35 -0.73 -35.72 -1.10
CA HIS A 35 -0.62 -34.40 -1.72
C HIS A 35 0.12 -34.50 -3.05
N GLU A 36 1.16 -35.33 -3.10
CA GLU A 36 2.01 -35.43 -4.28
C GLU A 36 1.23 -36.10 -5.42
N ILE A 37 0.53 -37.20 -5.09
CA ILE A 37 -0.28 -37.94 -6.05
C ILE A 37 -1.34 -37.03 -6.67
N GLN A 38 -2.13 -36.38 -5.81
CA GLN A 38 -3.15 -35.43 -6.23
C GLN A 38 -2.57 -34.30 -7.08
N ASN A 39 -1.43 -33.75 -6.66
CA ASN A 39 -0.73 -32.76 -7.47
C ASN A 39 -0.54 -33.31 -8.89
N TYR A 40 -0.05 -34.56 -8.99
CA TYR A 40 0.34 -35.14 -10.26
C TYR A 40 -0.86 -35.45 -11.15
N TYR A 41 -1.95 -35.97 -10.59
CA TYR A 41 -3.05 -36.46 -11.43
C TYR A 41 -4.20 -35.46 -11.51
N GLY A 42 -4.20 -34.42 -10.66
CA GLY A 42 -5.34 -33.52 -10.58
C GLY A 42 -6.47 -34.11 -9.75
N TYR A 43 -6.19 -35.24 -9.08
CA TYR A 43 -7.13 -35.94 -8.21
C TYR A 43 -6.41 -37.16 -7.66
N ILE A 44 -7.07 -37.91 -6.76
CA ILE A 44 -6.49 -39.12 -6.21
C ILE A 44 -7.09 -40.33 -6.93
N PRO A 45 -6.32 -41.04 -7.79
CA PRO A 45 -6.80 -42.30 -8.38
C PRO A 45 -7.04 -43.34 -7.28
N PRO A 46 -8.28 -43.91 -7.19
CA PRO A 46 -8.57 -45.00 -6.26
C PRO A 46 -7.60 -46.15 -6.41
N GLU A 47 -7.26 -46.48 -7.66
CA GLU A 47 -6.32 -47.55 -7.98
C GLU A 47 -4.89 -47.19 -7.59
N SER A 48 -4.64 -45.93 -7.18
CA SER A 48 -3.32 -45.47 -6.78
C SER A 48 -3.01 -45.86 -5.34
N LEU A 49 -4.07 -46.17 -4.59
CA LEU A 49 -3.98 -46.41 -3.14
C LEU A 49 -3.30 -47.73 -2.84
N LYS A 50 -3.57 -48.75 -3.67
CA LYS A 50 -3.02 -50.07 -3.44
C LYS A 50 -1.50 -49.98 -3.37
N PRO A 51 -0.78 -49.66 -4.47
CA PRO A 51 0.68 -49.61 -4.44
C PRO A 51 1.26 -48.53 -3.52
N LEU A 52 0.53 -47.45 -3.25
CA LEU A 52 0.96 -46.49 -2.23
C LEU A 52 1.07 -47.22 -0.89
N ALA A 53 0.07 -48.06 -0.59
CA ALA A 53 0.02 -48.78 0.67
C ALA A 53 1.25 -49.67 0.81
N ASP A 54 1.66 -50.32 -0.29
CA ASP A 54 2.82 -51.21 -0.29
C ASP A 54 4.09 -50.45 0.12
N MET A 55 4.24 -49.23 -0.43
CA MET A 55 5.41 -48.39 -0.21
C MET A 55 5.48 -47.87 1.23
N LEU A 56 4.32 -47.65 1.87
CA LEU A 56 4.26 -47.21 3.26
C LEU A 56 4.26 -48.41 4.21
N GLU A 57 4.29 -49.64 3.71
CA GLU A 57 4.19 -50.86 4.52
C GLU A 57 2.98 -50.77 5.45
N LEU A 58 1.83 -50.35 4.89
CA LEU A 58 0.57 -50.25 5.61
C LEU A 58 -0.51 -51.04 4.88
N PRO A 59 -1.63 -51.42 5.55
CA PRO A 59 -2.76 -52.04 4.86
C PRO A 59 -3.48 -51.00 3.99
N LEU A 60 -4.21 -51.47 2.97
CA LEU A 60 -4.94 -50.59 2.07
C LEU A 60 -6.07 -49.86 2.80
N ASN A 61 -6.74 -50.54 3.74
CA ASN A 61 -7.93 -49.99 4.37
C ASN A 61 -7.54 -48.73 5.16
N HIS A 62 -6.32 -48.72 5.71
CA HIS A 62 -5.75 -47.60 6.45
C HIS A 62 -5.64 -46.39 5.52
N VAL A 63 -5.05 -46.63 4.35
CA VAL A 63 -4.83 -45.59 3.36
C VAL A 63 -6.19 -45.04 2.92
N GLU A 64 -7.14 -45.96 2.70
CA GLU A 64 -8.50 -45.60 2.31
C GLU A 64 -9.19 -44.78 3.41
N GLY A 65 -9.02 -45.16 4.68
CA GLY A 65 -9.56 -44.38 5.78
C GLY A 65 -9.02 -42.95 5.77
N VAL A 66 -7.72 -42.83 5.48
CA VAL A 66 -7.04 -41.54 5.53
C VAL A 66 -7.51 -40.64 4.39
N VAL A 67 -7.56 -41.14 3.16
CA VAL A 67 -8.05 -40.35 2.04
C VAL A 67 -9.45 -39.81 2.36
N ALA A 68 -10.32 -40.67 2.91
CA ALA A 68 -11.73 -40.35 3.12
C ALA A 68 -11.90 -39.31 4.23
N PHE A 69 -10.98 -39.33 5.19
CA PHE A 69 -11.02 -38.41 6.32
C PHE A 69 -10.55 -37.00 5.97
N TYR A 70 -9.51 -36.87 5.14
CA TYR A 70 -8.88 -35.56 4.91
C TYR A 70 -9.54 -34.87 3.71
N ASP A 71 -10.09 -33.67 3.96
CA ASP A 71 -11.00 -33.03 3.02
C ASP A 71 -10.29 -32.54 1.76
N MET A 72 -9.02 -32.14 1.86
CA MET A 72 -8.31 -31.64 0.69
C MET A 72 -8.26 -32.69 -0.43
N PHE A 73 -8.32 -33.99 -0.09
CA PHE A 73 -8.17 -35.04 -1.09
C PHE A 73 -9.52 -35.31 -1.79
N ASP A 74 -9.46 -35.49 -3.11
CA ASP A 74 -10.62 -35.76 -3.93
C ASP A 74 -10.32 -36.99 -4.79
N ARG A 75 -11.25 -37.96 -4.79
CA ARG A 75 -11.12 -39.17 -5.59
C ARG A 75 -12.19 -39.25 -6.69
N GLU A 76 -12.88 -38.14 -6.96
CA GLU A 76 -14.06 -38.18 -7.80
C GLU A 76 -13.91 -37.31 -9.05
N ASP A 77 -13.25 -36.14 -8.93
CA ASP A 77 -13.22 -35.17 -10.01
C ASP A 77 -11.80 -34.74 -10.34
N LYS A 78 -11.29 -35.15 -11.51
CA LYS A 78 -10.02 -34.68 -12.04
C LYS A 78 -10.08 -33.19 -12.38
N ALA A 79 -9.10 -32.41 -11.91
CA ALA A 79 -9.03 -31.00 -12.27
C ALA A 79 -7.59 -30.49 -12.29
N LYS A 80 -7.23 -29.76 -13.35
CA LYS A 80 -5.90 -29.19 -13.47
C LYS A 80 -5.67 -28.14 -12.37
N TYR A 81 -6.67 -27.25 -12.19
CA TYR A 81 -6.58 -26.11 -11.29
C TYR A 81 -7.80 -26.09 -10.36
N ARG A 82 -7.58 -26.24 -9.04
CA ARG A 82 -8.64 -26.22 -8.03
C ARG A 82 -8.78 -24.82 -7.43
N ILE A 83 -9.95 -24.19 -7.63
CA ILE A 83 -10.23 -22.88 -7.06
C ILE A 83 -10.91 -23.07 -5.71
N ARG A 84 -10.14 -22.99 -4.61
CA ARG A 84 -10.70 -23.11 -3.27
C ARG A 84 -11.29 -21.77 -2.84
N VAL A 85 -12.61 -21.72 -2.61
CA VAL A 85 -13.28 -20.48 -2.26
C VAL A 85 -13.75 -20.55 -0.82
N CYS A 86 -13.34 -19.60 0.02
CA CYS A 86 -13.68 -19.63 1.44
C CYS A 86 -15.17 -19.34 1.63
N VAL A 87 -15.86 -20.22 2.39
CA VAL A 87 -17.27 -20.03 2.67
C VAL A 87 -17.52 -19.77 4.16
N SER A 88 -16.48 -19.58 4.98
CA SER A 88 -16.65 -19.36 6.41
C SER A 88 -17.11 -17.92 6.72
N ILE A 89 -17.25 -17.61 8.01
CA ILE A 89 -17.93 -16.43 8.53
C ILE A 89 -17.39 -15.12 7.98
N VAL A 90 -16.07 -14.90 8.00
CA VAL A 90 -15.55 -13.57 7.69
C VAL A 90 -15.67 -13.33 6.19
N CYS A 91 -15.29 -14.32 5.37
CA CYS A 91 -15.41 -14.18 3.93
C CYS A 91 -16.86 -14.03 3.51
N HIS A 92 -17.80 -14.62 4.27
CA HIS A 92 -19.21 -14.50 3.97
C HIS A 92 -19.63 -13.05 4.18
N LEU A 93 -19.24 -12.47 5.33
CA LEU A 93 -19.56 -11.09 5.66
C LEU A 93 -19.00 -10.13 4.62
N MET A 94 -17.86 -10.46 4.01
CA MET A 94 -17.13 -9.51 3.17
C MET A 94 -17.31 -9.78 1.68
N GLY A 95 -18.04 -10.85 1.29
CA GLY A 95 -18.54 -10.94 -0.08
C GLY A 95 -18.16 -12.25 -0.79
N THR A 96 -18.31 -13.39 -0.10
CA THR A 96 -18.14 -14.70 -0.74
C THR A 96 -19.11 -14.82 -1.91
N ASN A 97 -20.35 -14.35 -1.77
CA ASN A 97 -21.36 -14.55 -2.81
C ASN A 97 -20.98 -13.80 -4.09
N LYS A 98 -20.39 -12.61 -3.97
CA LYS A 98 -19.96 -11.85 -5.15
C LYS A 98 -18.80 -12.55 -5.85
N LEU A 99 -17.90 -13.15 -5.09
CA LEU A 99 -16.80 -13.91 -5.68
C LEU A 99 -17.35 -15.11 -6.47
N LEU A 100 -18.31 -15.84 -5.90
CA LEU A 100 -18.86 -17.02 -6.56
C LEU A 100 -19.65 -16.64 -7.82
N LYS A 101 -20.47 -15.58 -7.71
CA LYS A 101 -21.25 -15.10 -8.83
C LYS A 101 -20.30 -14.70 -9.96
N ALA A 102 -19.16 -14.13 -9.55
CA ALA A 102 -18.18 -13.63 -10.49
C ALA A 102 -17.35 -14.76 -11.08
N LEU A 103 -17.15 -15.85 -10.32
CA LEU A 103 -16.59 -17.08 -10.87
C LEU A 103 -17.57 -17.66 -11.88
N GLU A 104 -18.86 -17.66 -11.54
CA GLU A 104 -19.87 -18.24 -12.39
C GLU A 104 -20.02 -17.44 -13.69
N ASN A 105 -19.96 -16.11 -13.61
CA ASN A 105 -20.02 -15.27 -14.79
C ASN A 105 -18.88 -15.61 -15.73
N ILE A 106 -17.70 -15.92 -15.18
CA ILE A 106 -16.48 -16.08 -15.96
C ILE A 106 -16.28 -17.54 -16.41
N LEU A 107 -16.58 -18.52 -15.54
CA LEU A 107 -16.19 -19.90 -15.81
C LEU A 107 -17.39 -20.76 -16.18
N GLY A 108 -18.61 -20.27 -15.91
CA GLY A 108 -19.85 -20.98 -16.20
C GLY A 108 -20.18 -22.09 -15.19
N ILE A 109 -19.65 -22.02 -13.96
CA ILE A 109 -19.84 -23.09 -12.99
C ILE A 109 -20.02 -22.54 -11.58
N LYS A 110 -20.51 -23.45 -10.73
CA LYS A 110 -20.87 -23.20 -9.34
C LYS A 110 -20.01 -24.09 -8.46
N PRO A 111 -20.04 -23.93 -7.12
CA PRO A 111 -19.21 -24.77 -6.23
C PRO A 111 -19.60 -26.25 -6.34
N GLY A 112 -18.56 -27.12 -6.40
CA GLY A 112 -18.72 -28.56 -6.65
C GLY A 112 -18.39 -28.95 -8.08
N GLU A 113 -18.70 -28.06 -9.05
CA GLU A 113 -18.69 -28.41 -10.47
C GLU A 113 -17.31 -28.21 -11.11
N VAL A 114 -16.96 -29.08 -12.07
CA VAL A 114 -15.78 -28.96 -12.91
C VAL A 114 -16.22 -28.39 -14.26
N THR A 115 -15.39 -27.55 -14.89
CA THR A 115 -15.66 -27.14 -16.27
C THR A 115 -15.56 -28.37 -17.18
N PRO A 116 -16.09 -28.30 -18.43
CA PRO A 116 -16.09 -29.45 -19.33
C PRO A 116 -14.71 -29.99 -19.73
N ASP A 117 -13.75 -29.06 -19.91
CA ASP A 117 -12.38 -29.38 -20.27
C ASP A 117 -11.58 -29.91 -19.08
N GLY A 118 -12.12 -29.79 -17.86
CA GLY A 118 -11.46 -30.29 -16.65
C GLY A 118 -10.33 -29.37 -16.18
N LYS A 119 -10.47 -28.07 -16.46
CA LYS A 119 -9.42 -27.08 -16.22
C LYS A 119 -9.58 -26.47 -14.83
N PHE A 120 -10.81 -26.07 -14.50
CA PHE A 120 -11.13 -25.42 -13.23
C PHE A 120 -12.24 -26.18 -12.52
N LYS A 121 -12.03 -26.44 -11.22
CA LYS A 121 -13.04 -26.95 -10.30
C LYS A 121 -13.16 -25.99 -9.11
N ILE A 122 -14.40 -25.64 -8.73
CA ILE A 122 -14.64 -24.78 -7.59
C ILE A 122 -14.90 -25.68 -6.37
N VAL A 123 -14.10 -25.44 -5.32
CA VAL A 123 -14.09 -26.20 -4.08
C VAL A 123 -14.43 -25.21 -2.96
N PRO A 124 -15.59 -25.34 -2.31
CA PRO A 124 -15.88 -24.47 -1.17
C PRO A 124 -15.17 -25.08 0.03
N VAL A 125 -14.43 -24.25 0.78
CA VAL A 125 -13.62 -24.72 1.90
C VAL A 125 -13.91 -23.87 3.13
N GLN A 126 -13.50 -24.36 4.30
CA GLN A 126 -13.55 -23.60 5.54
C GLN A 126 -12.41 -22.59 5.56
N CYS A 127 -12.41 -21.72 6.59
CA CYS A 127 -11.50 -20.59 6.72
C CYS A 127 -10.07 -20.94 6.32
N LEU A 128 -9.46 -20.10 5.46
CA LEU A 128 -8.16 -20.33 4.83
C LEU A 128 -7.05 -19.59 5.55
N GLY A 129 -7.38 -18.93 6.67
CA GLY A 129 -6.38 -18.29 7.50
C GLY A 129 -5.88 -16.99 6.88
N ALA A 130 -6.79 -16.21 6.30
CA ALA A 130 -6.45 -14.96 5.65
C ALA A 130 -7.64 -14.00 5.68
N CYS A 131 -8.33 -13.97 6.83
CA CYS A 131 -9.62 -13.32 6.97
C CYS A 131 -9.52 -11.81 6.75
N SER A 132 -8.36 -11.22 7.04
CA SER A 132 -8.17 -9.79 6.81
C SER A 132 -8.33 -9.43 5.33
N GLU A 133 -8.14 -10.42 4.43
CA GLU A 133 -8.19 -10.19 2.99
C GLU A 133 -9.41 -10.83 2.37
N ALA A 134 -10.49 -10.96 3.16
CA ALA A 134 -11.75 -11.52 2.69
C ALA A 134 -12.32 -10.67 1.56
N PRO A 135 -12.95 -11.27 0.52
CA PRO A 135 -13.11 -12.72 0.40
C PRO A 135 -11.86 -13.37 -0.21
N VAL A 136 -11.54 -14.59 0.22
CA VAL A 136 -10.29 -15.24 -0.15
C VAL A 136 -10.57 -16.46 -1.04
N PHE A 137 -9.66 -16.70 -1.98
CA PHE A 137 -9.67 -17.92 -2.77
C PHE A 137 -8.24 -18.34 -3.15
N MET A 138 -8.06 -19.64 -3.38
CA MET A 138 -6.81 -20.15 -3.91
C MET A 138 -7.02 -20.66 -5.33
N VAL A 139 -5.94 -20.68 -6.11
CA VAL A 139 -5.89 -21.47 -7.34
C VAL A 139 -4.68 -22.37 -7.19
N ASN A 140 -4.93 -23.67 -6.94
CA ASN A 140 -3.92 -24.58 -6.41
C ASN A 140 -3.28 -23.90 -5.19
N ASP A 141 -1.96 -23.66 -5.22
CA ASP A 141 -1.26 -23.17 -4.05
C ASP A 141 -1.30 -21.63 -3.92
N ASP A 142 -1.66 -20.96 -5.03
CA ASP A 142 -1.66 -19.50 -5.06
C ASP A 142 -2.92 -19.01 -4.35
N GLU A 143 -2.74 -18.02 -3.47
CA GLU A 143 -3.84 -17.46 -2.70
C GLU A 143 -3.97 -15.97 -3.04
N TYR A 144 -5.21 -15.45 -3.05
CA TYR A 144 -5.50 -14.10 -3.46
C TYR A 144 -6.74 -13.58 -2.76
N LYS A 145 -6.78 -12.26 -2.51
CA LYS A 145 -8.01 -11.58 -2.14
C LYS A 145 -8.83 -11.29 -3.40
N PHE A 146 -10.16 -11.47 -3.33
CA PHE A 146 -11.08 -11.07 -4.39
C PHE A 146 -11.42 -9.57 -4.24
N GLU A 147 -11.22 -8.82 -5.33
CA GLU A 147 -11.53 -7.40 -5.36
C GLU A 147 -12.75 -7.15 -6.26
N SER A 148 -12.75 -7.76 -7.46
CA SER A 148 -13.79 -7.52 -8.45
C SER A 148 -13.71 -8.54 -9.59
N GLU A 149 -14.74 -8.57 -10.43
CA GLU A 149 -14.77 -9.45 -11.58
C GLU A 149 -13.61 -9.12 -12.53
N VAL A 150 -13.44 -7.82 -12.84
CA VAL A 150 -12.39 -7.32 -13.72
C VAL A 150 -11.01 -7.82 -13.23
N GLN A 151 -10.77 -7.74 -11.91
CA GLN A 151 -9.51 -8.15 -11.30
C GLN A 151 -9.40 -9.67 -11.28
N LEU A 152 -10.52 -10.35 -11.02
CA LEU A 152 -10.57 -11.81 -11.02
C LEU A 152 -10.28 -12.36 -12.41
N ASN A 153 -10.86 -11.72 -13.44
CA ASN A 153 -10.73 -12.21 -14.80
C ASN A 153 -9.26 -12.37 -15.19
N GLU A 154 -8.44 -11.37 -14.80
CA GLU A 154 -7.03 -11.23 -15.16
C GLU A 154 -6.12 -12.16 -14.36
N ILE A 155 -6.55 -12.53 -13.14
CA ILE A 155 -5.86 -13.54 -12.35
C ILE A 155 -6.07 -14.91 -13.00
N LEU A 156 -7.33 -15.25 -13.30
CA LEU A 156 -7.65 -16.56 -13.85
C LEU A 156 -6.97 -16.74 -15.21
N SER A 157 -6.80 -15.65 -15.97
CA SER A 157 -6.15 -15.73 -17.27
C SER A 157 -4.68 -16.12 -17.17
N ARG A 158 -4.10 -16.07 -15.97
CA ARG A 158 -2.71 -16.45 -15.75
C ARG A 158 -2.58 -17.98 -15.70
N TYR A 159 -3.71 -18.70 -15.56
CA TYR A 159 -3.74 -20.15 -15.52
C TYR A 159 -4.25 -20.69 -16.86
N THR A 160 -3.38 -21.42 -17.57
CA THR A 160 -3.69 -21.92 -18.91
C THR A 160 -3.66 -23.44 -18.93
N ARG B 2 14.15 -18.76 -3.65
CA ARG B 2 13.43 -19.14 -4.88
C ARG B 2 12.01 -18.53 -4.88
N SER B 3 11.21 -18.94 -5.87
CA SER B 3 9.85 -18.49 -6.02
C SER B 3 8.90 -19.30 -5.14
N TYR B 4 7.96 -18.63 -4.48
CA TYR B 4 6.99 -19.29 -3.63
C TYR B 4 5.59 -18.98 -4.15
N PRO B 5 4.57 -19.82 -3.87
CA PRO B 5 3.19 -19.49 -4.21
C PRO B 5 2.76 -18.10 -3.73
N ALA B 6 1.80 -17.50 -4.44
CA ALA B 6 1.26 -16.20 -4.09
C ALA B 6 0.53 -16.26 -2.74
N ILE B 7 0.73 -15.20 -1.94
CA ILE B 7 0.14 -14.98 -0.63
C ILE B 7 -0.46 -13.56 -0.61
N PRO B 8 -1.68 -13.33 -0.10
CA PRO B 8 -2.12 -11.94 0.10
C PRO B 8 -1.26 -11.20 1.14
N ARG B 9 -1.08 -9.89 0.94
CA ARG B 9 -0.23 -9.08 1.81
C ARG B 9 -1.04 -8.60 3.02
N ILE B 10 -1.07 -9.43 4.05
CA ILE B 10 -1.81 -9.14 5.27
C ILE B 10 -1.10 -7.98 5.96
N TYR B 11 -1.85 -6.91 6.23
CA TYR B 11 -1.34 -5.74 6.90
C TYR B 11 -0.98 -6.09 8.34
N ALA B 12 0.17 -5.59 8.80
CA ALA B 12 0.63 -5.85 10.16
C ALA B 12 1.30 -4.60 10.75
N GLU B 13 1.05 -4.39 12.05
CA GLU B 13 1.40 -3.20 12.78
C GLU B 13 1.76 -3.63 14.20
N THR B 14 2.78 -3.02 14.79
CA THR B 14 3.22 -3.38 16.14
C THR B 14 3.48 -2.08 16.90
N THR B 15 3.19 -2.04 18.21
CA THR B 15 3.71 -0.99 19.07
C THR B 15 4.91 -1.48 19.89
N LEU B 16 5.32 -2.74 19.71
CA LEU B 16 6.28 -3.41 20.58
C LEU B 16 7.56 -3.79 19.83
N ASN B 17 7.41 -4.16 18.56
CA ASN B 17 8.54 -4.34 17.66
C ASN B 17 9.36 -5.55 18.07
N MET B 18 8.63 -6.64 18.34
CA MET B 18 9.19 -7.92 18.75
C MET B 18 8.84 -8.97 17.70
N LEU B 19 7.66 -9.57 17.82
CA LEU B 19 7.25 -10.63 16.91
C LEU B 19 7.07 -10.11 15.49
N LEU B 20 6.73 -8.83 15.32
CA LEU B 20 6.54 -8.24 14.01
C LEU B 20 7.66 -7.28 13.62
N LYS B 21 8.84 -7.34 14.25
CA LYS B 21 9.91 -6.43 13.88
C LYS B 21 10.22 -6.53 12.39
N ARG B 22 10.35 -7.77 11.89
CA ARG B 22 10.56 -8.06 10.48
C ARG B 22 9.23 -8.41 9.80
N ALA B 23 8.37 -9.17 10.51
CA ALA B 23 7.16 -9.72 9.92
C ALA B 23 6.11 -8.64 9.69
N LYS B 24 6.34 -7.41 10.13
CA LYS B 24 5.46 -6.33 9.77
C LYS B 24 5.63 -6.00 8.28
N LYS B 25 6.74 -6.47 7.69
CA LYS B 25 6.98 -6.30 6.26
C LYS B 25 6.58 -7.57 5.53
N PRO B 26 5.71 -7.49 4.50
CA PRO B 26 5.15 -8.68 3.84
C PRO B 26 6.08 -9.36 2.83
N ARG B 27 7.15 -9.96 3.35
CA ARG B 27 8.13 -10.65 2.53
C ARG B 27 8.94 -11.64 3.37
N VAL B 28 9.60 -12.58 2.70
CA VAL B 28 10.41 -13.59 3.36
C VAL B 28 11.72 -12.98 3.80
N HIS B 29 12.00 -13.03 5.11
CA HIS B 29 13.28 -12.64 5.69
C HIS B 29 14.10 -13.92 5.87
N SER B 30 15.21 -14.00 5.13
CA SER B 30 16.10 -15.15 5.10
C SER B 30 17.18 -15.04 6.18
N ILE B 31 18.10 -16.01 6.25
CA ILE B 31 18.96 -16.16 7.40
C ILE B 31 19.91 -14.97 7.58
N ASP B 32 20.48 -14.45 6.47
CA ASP B 32 21.45 -13.37 6.60
C ASP B 32 20.76 -12.13 7.16
N GLU B 33 19.54 -11.84 6.70
CA GLU B 33 18.78 -10.71 7.19
C GLU B 33 18.42 -10.92 8.66
N TYR B 34 18.11 -12.17 9.03
CA TYR B 34 17.77 -12.52 10.41
C TYR B 34 19.01 -12.36 11.30
N LEU B 35 20.16 -12.81 10.80
CA LEU B 35 21.42 -12.76 11.54
C LEU B 35 21.80 -11.31 11.81
N LYS B 36 21.49 -10.40 10.86
CA LYS B 36 21.94 -9.02 10.91
C LYS B 36 21.51 -8.35 12.23
N ASP B 37 20.27 -8.62 12.68
CA ASP B 37 19.69 -8.02 13.88
C ASP B 37 19.86 -8.88 15.12
N GLY B 38 20.83 -9.82 15.09
CA GLY B 38 21.15 -10.63 16.26
C GLY B 38 20.37 -11.93 16.30
N GLY B 39 19.91 -12.40 15.13
CA GLY B 39 19.26 -13.69 15.01
C GLY B 39 20.21 -14.84 15.39
N TYR B 40 19.66 -15.85 16.10
CA TYR B 40 20.35 -17.05 16.51
C TYR B 40 21.32 -16.79 17.67
N GLN B 41 21.28 -15.58 18.27
CA GLN B 41 22.17 -15.28 19.40
C GLN B 41 21.58 -15.82 20.70
N ALA B 42 20.25 -15.76 20.83
CA ALA B 42 19.55 -16.43 21.92
C ALA B 42 19.86 -17.93 21.94
N LEU B 43 19.80 -18.58 20.78
CA LEU B 43 20.17 -19.99 20.69
C LEU B 43 21.59 -20.19 21.27
N GLU B 44 22.56 -19.45 20.74
CA GLU B 44 23.95 -19.55 21.18
C GLU B 44 24.03 -19.40 22.71
N LYS B 45 23.32 -18.41 23.26
CA LYS B 45 23.25 -18.22 24.69
C LYS B 45 22.54 -19.40 25.37
N ALA B 46 21.42 -19.85 24.81
CA ALA B 46 20.69 -20.98 25.36
C ALA B 46 21.59 -22.21 25.51
N LEU B 47 22.41 -22.47 24.49
CA LEU B 47 23.26 -23.65 24.50
C LEU B 47 24.34 -23.59 25.57
N ASN B 48 24.66 -22.40 26.10
CA ASN B 48 25.63 -22.27 27.18
C ASN B 48 24.94 -22.27 28.55
N MET B 49 23.61 -22.37 28.55
CA MET B 49 22.83 -22.49 29.76
C MET B 49 22.38 -23.94 29.91
N SER B 50 22.05 -24.37 31.15
CA SER B 50 21.50 -25.69 31.41
C SER B 50 20.05 -25.75 30.93
N PRO B 51 19.58 -26.93 30.45
CA PRO B 51 18.17 -27.12 30.14
C PRO B 51 17.22 -26.61 31.23
N GLU B 52 17.52 -26.97 32.48
CA GLU B 52 16.70 -26.64 33.63
C GLU B 52 16.60 -25.13 33.83
N GLU B 53 17.69 -24.39 33.55
CA GLU B 53 17.67 -22.95 33.73
C GLU B 53 16.78 -22.27 32.67
N ILE B 54 16.78 -22.80 31.44
CA ILE B 54 15.92 -22.28 30.38
C ILE B 54 14.46 -22.45 30.77
N ILE B 55 14.14 -23.62 31.35
CA ILE B 55 12.80 -23.90 31.81
C ILE B 55 12.43 -22.90 32.92
N ASP B 56 13.38 -22.62 33.81
CA ASP B 56 13.12 -21.71 34.91
C ASP B 56 12.84 -20.30 34.38
N TRP B 57 13.63 -19.85 33.38
CA TRP B 57 13.41 -18.53 32.81
C TRP B 57 12.03 -18.45 32.14
N VAL B 58 11.70 -19.47 31.37
CA VAL B 58 10.43 -19.47 30.65
C VAL B 58 9.29 -19.50 31.66
N ASP B 59 9.47 -20.27 32.73
CA ASP B 59 8.52 -20.32 33.83
C ASP B 59 8.28 -18.91 34.37
N LYS B 60 9.36 -18.22 34.76
CA LYS B 60 9.27 -16.93 35.43
C LYS B 60 8.82 -15.80 34.50
N SER B 61 8.87 -16.03 33.17
CA SER B 61 8.42 -15.04 32.20
C SER B 61 6.91 -14.89 32.21
N THR B 62 6.19 -15.94 32.66
CA THR B 62 4.75 -16.02 32.81
C THR B 62 4.12 -16.27 31.45
N LEU B 63 4.95 -16.68 30.47
CA LEU B 63 4.47 -17.07 29.14
C LEU B 63 3.40 -18.17 29.26
N ARG B 64 2.24 -17.95 28.62
CA ARG B 64 1.17 -18.93 28.55
C ARG B 64 0.94 -19.29 27.10
N GLY B 65 0.37 -20.47 26.84
CA GLY B 65 0.13 -20.92 25.47
C GLY B 65 -0.77 -19.95 24.71
N ARG B 66 -0.51 -19.81 23.41
CA ARG B 66 -1.24 -18.90 22.54
C ARG B 66 -2.20 -19.67 21.63
N GLY B 67 -2.39 -20.98 21.90
CA GLY B 67 -3.17 -21.85 21.05
C GLY B 67 -4.65 -21.96 21.47
N GLY B 68 -4.94 -21.55 22.71
CA GLY B 68 -6.31 -21.35 23.13
C GLY B 68 -6.54 -21.84 24.56
N ALA B 69 -5.81 -22.87 24.99
CA ALA B 69 -6.05 -23.46 26.30
C ALA B 69 -5.29 -22.70 27.38
N GLY B 70 -4.30 -21.91 26.96
CA GLY B 70 -3.61 -20.95 27.82
C GLY B 70 -2.82 -21.60 28.97
N PHE B 71 -2.20 -22.76 28.72
CA PHE B 71 -1.48 -23.46 29.78
C PHE B 71 -0.08 -22.84 29.93
N PRO B 72 0.36 -22.55 31.18
CA PRO B 72 1.70 -21.97 31.41
C PRO B 72 2.81 -22.80 30.79
N THR B 73 3.62 -22.17 29.93
CA THR B 73 4.51 -22.88 29.02
C THR B 73 5.64 -23.59 29.76
N GLY B 74 6.25 -22.89 30.71
CA GLY B 74 7.33 -23.46 31.51
C GLY B 74 6.88 -24.68 32.29
N LYS B 75 5.71 -24.59 32.92
CA LYS B 75 5.20 -25.68 33.74
C LYS B 75 4.98 -26.91 32.85
N LYS B 76 4.51 -26.67 31.62
CA LYS B 76 4.36 -27.75 30.66
C LYS B 76 5.70 -28.42 30.35
N TRP B 77 6.73 -27.62 30.05
CA TRP B 77 8.06 -28.17 29.84
C TRP B 77 8.53 -28.94 31.06
N LYS B 78 8.27 -28.38 32.24
CA LYS B 78 8.65 -28.98 33.52
C LYS B 78 8.02 -30.37 33.62
N PHE B 79 6.73 -30.48 33.26
CA PHE B 79 6.02 -31.74 33.40
C PHE B 79 6.63 -32.79 32.46
N ALA B 80 6.96 -32.40 31.24
CA ALA B 80 7.53 -33.31 30.27
C ALA B 80 8.86 -33.92 30.72
N VAL B 81 9.75 -33.15 31.38
CA VAL B 81 11.09 -33.67 31.71
C VAL B 81 11.07 -34.46 33.03
N GLN B 82 9.91 -34.60 33.69
CA GLN B 82 9.75 -35.50 34.83
C GLN B 82 9.73 -36.96 34.37
N ASN B 83 9.37 -37.17 33.10
CA ASN B 83 9.19 -38.49 32.52
C ASN B 83 10.44 -38.86 31.69
N PRO B 84 10.91 -40.13 31.76
CA PRO B 84 12.07 -40.56 30.96
C PRO B 84 11.99 -40.31 29.46
N GLY B 85 13.16 -40.04 28.84
CA GLY B 85 13.24 -39.82 27.41
C GLY B 85 13.08 -41.12 26.62
N PRO B 86 13.12 -41.10 25.28
CA PRO B 86 13.33 -39.87 24.52
C PRO B 86 12.05 -39.04 24.49
N ARG B 87 12.19 -37.75 24.17
CA ARG B 87 11.09 -36.79 24.16
C ARG B 87 11.00 -36.10 22.80
N TYR B 88 9.79 -35.63 22.45
CA TYR B 88 9.55 -34.99 21.17
C TYR B 88 8.97 -33.59 21.39
N PHE B 89 9.35 -32.68 20.50
CA PHE B 89 8.83 -31.32 20.48
C PHE B 89 8.10 -31.10 19.15
N ILE B 90 6.93 -30.43 19.25
CA ILE B 90 6.03 -30.22 18.12
C ILE B 90 5.60 -28.76 18.12
N CYS B 91 5.85 -28.07 17.01
CA CYS B 91 5.28 -26.77 16.73
C CYS B 91 3.94 -26.95 16.02
N ASN B 92 2.88 -26.40 16.60
CA ASN B 92 1.54 -26.52 16.07
C ASN B 92 1.25 -25.34 15.17
N ALA B 93 1.19 -25.59 13.85
CA ALA B 93 0.91 -24.58 12.84
C ALA B 93 -0.32 -24.95 12.01
N ASP B 94 -1.36 -25.47 12.67
CA ASP B 94 -2.57 -25.90 11.98
C ASP B 94 -3.53 -24.72 11.78
N GLU B 95 -3.41 -23.68 12.62
CA GLU B 95 -4.19 -22.44 12.52
C GLU B 95 -5.33 -22.53 11.50
N SER B 96 -6.47 -23.09 11.92
CA SER B 96 -7.61 -23.28 11.02
C SER B 96 -8.91 -22.71 11.60
N GLU B 97 -8.85 -22.01 12.74
CA GLU B 97 -10.05 -21.44 13.34
C GLU B 97 -10.46 -20.16 12.62
N PRO B 98 -11.76 -19.99 12.27
CA PRO B 98 -12.23 -18.79 11.58
C PRO B 98 -11.74 -17.50 12.20
N GLY B 99 -11.14 -16.65 11.35
CA GLY B 99 -10.69 -15.34 11.79
C GLY B 99 -9.22 -15.32 12.21
N THR B 100 -8.57 -16.49 12.35
CA THR B 100 -7.24 -16.56 12.92
C THR B 100 -6.23 -16.76 11.80
N PHE B 101 -5.39 -15.74 11.61
CA PHE B 101 -4.32 -15.76 10.60
C PHE B 101 -3.03 -15.19 11.20
N LYS B 102 -2.89 -15.24 12.52
CA LYS B 102 -1.76 -14.60 13.17
C LYS B 102 -0.47 -15.39 12.95
N ASP B 103 -0.53 -16.72 13.07
CA ASP B 103 0.66 -17.55 13.07
C ASP B 103 1.32 -17.57 11.69
N ARG B 104 0.52 -17.46 10.62
CA ARG B 104 1.07 -17.65 9.29
C ARG B 104 2.04 -16.52 8.94
N ILE B 105 1.85 -15.33 9.52
CA ILE B 105 2.69 -14.22 9.13
C ILE B 105 4.08 -14.36 9.77
N ILE B 106 4.20 -15.12 10.86
CA ILE B 106 5.52 -15.44 11.39
C ILE B 106 6.15 -16.51 10.52
N ILE B 107 5.37 -17.52 10.12
CA ILE B 107 5.91 -18.60 9.31
C ILE B 107 6.49 -18.04 8.02
N GLU B 108 5.73 -17.13 7.37
CA GLU B 108 5.95 -16.76 5.99
C GLU B 108 6.91 -15.57 5.87
N ARG B 109 7.11 -14.82 6.97
CA ARG B 109 7.91 -13.60 6.90
C ARG B 109 9.18 -13.68 7.73
N ASP B 110 9.13 -14.36 8.88
CA ASP B 110 10.23 -14.41 9.81
C ASP B 110 10.40 -15.86 10.28
N PRO B 111 10.56 -16.83 9.34
CA PRO B 111 10.67 -18.24 9.70
C PRO B 111 11.72 -18.52 10.75
N HIS B 112 12.86 -17.85 10.66
CA HIS B 112 13.95 -18.05 11.59
C HIS B 112 13.55 -17.66 13.01
N LEU B 113 12.52 -16.83 13.21
CA LEU B 113 12.07 -16.51 14.56
C LEU B 113 11.46 -17.76 15.19
N LEU B 114 10.73 -18.53 14.36
CA LEU B 114 10.12 -19.78 14.78
C LEU B 114 11.20 -20.85 14.95
N ILE B 115 12.05 -21.04 13.93
CA ILE B 115 13.07 -22.09 14.00
C ILE B 115 13.95 -21.91 15.22
N GLU B 116 14.33 -20.66 15.52
CA GLU B 116 15.22 -20.37 16.65
C GLU B 116 14.54 -20.80 17.95
N GLY B 117 13.24 -20.50 18.09
CA GLY B 117 12.48 -20.88 19.29
C GLY B 117 12.34 -22.40 19.41
N ILE B 118 12.14 -23.08 18.28
CA ILE B 118 12.01 -24.53 18.27
C ILE B 118 13.28 -25.17 18.80
N ILE B 119 14.46 -24.69 18.39
CA ILE B 119 15.73 -25.31 18.74
C ILE B 119 15.99 -25.14 20.25
N ILE B 120 15.78 -23.91 20.77
CA ILE B 120 15.91 -23.64 22.20
C ILE B 120 14.97 -24.55 22.98
N SER B 121 13.68 -24.53 22.61
CA SER B 121 12.63 -25.28 23.28
C SER B 121 12.98 -26.77 23.31
N SER B 122 13.40 -27.30 22.14
CA SER B 122 13.80 -28.70 22.01
C SER B 122 14.95 -29.01 22.96
N TYR B 123 15.93 -28.10 23.06
CA TYR B 123 17.10 -28.33 23.90
C TYR B 123 16.70 -28.36 25.37
N ALA B 124 15.81 -27.43 25.74
CA ALA B 124 15.25 -27.34 27.07
C ALA B 124 14.63 -28.65 27.54
N ILE B 125 13.97 -29.41 26.67
CA ILE B 125 13.28 -30.63 27.09
C ILE B 125 14.05 -31.89 26.67
N GLY B 126 15.25 -31.73 26.10
CA GLY B 126 16.06 -32.85 25.65
C GLY B 126 15.46 -33.58 24.45
N ALA B 127 14.67 -32.91 23.61
CA ALA B 127 14.18 -33.50 22.38
C ALA B 127 15.23 -33.35 21.27
N ASN B 128 15.54 -34.45 20.58
CA ASN B 128 16.50 -34.47 19.48
C ASN B 128 15.79 -34.51 18.14
N GLU B 129 14.46 -34.61 18.20
CA GLU B 129 13.60 -34.72 17.05
C GLU B 129 12.41 -33.80 17.32
N ALA B 130 12.13 -32.92 16.35
CA ALA B 130 11.08 -31.93 16.46
C ALA B 130 10.26 -31.90 15.18
N TYR B 131 9.05 -31.36 15.27
CA TYR B 131 8.14 -31.34 14.14
C TYR B 131 7.48 -29.97 14.08
N ILE B 132 7.28 -29.50 12.83
CA ILE B 132 6.28 -28.50 12.55
C ILE B 132 5.17 -29.22 11.81
N TYR B 133 3.96 -29.13 12.36
CA TYR B 133 2.75 -29.57 11.68
C TYR B 133 2.03 -28.32 11.20
N ILE B 134 2.05 -28.11 9.88
CA ILE B 134 1.43 -26.94 9.26
C ILE B 134 0.29 -27.41 8.36
N ARG B 135 -0.83 -26.69 8.45
CA ARG B 135 -2.00 -27.07 7.68
C ARG B 135 -1.61 -27.12 6.21
N GLY B 136 -2.38 -27.90 5.46
CA GLY B 136 -2.07 -28.17 4.06
C GLY B 136 -2.43 -27.00 3.16
N GLU B 137 -3.33 -26.11 3.63
CA GLU B 137 -3.73 -24.93 2.88
C GLU B 137 -2.78 -23.75 3.12
N TYR B 138 -1.65 -23.99 3.78
CA TYR B 138 -0.55 -23.04 3.85
C TYR B 138 0.62 -23.60 3.04
N PRO B 139 0.47 -23.82 1.72
CA PRO B 139 1.54 -24.44 0.94
C PRO B 139 2.80 -23.56 0.90
N ALA B 140 2.59 -22.24 0.81
CA ALA B 140 3.72 -21.31 0.78
C ALA B 140 4.52 -21.41 2.08
N GLY B 141 3.81 -21.41 3.22
CA GLY B 141 4.45 -21.50 4.53
C GLY B 141 5.33 -22.74 4.63
N TYR B 142 4.84 -23.87 4.07
CA TYR B 142 5.54 -25.15 4.07
C TYR B 142 6.88 -25.03 3.34
N TYR B 143 6.86 -24.52 2.09
CA TYR B 143 8.08 -24.39 1.31
C TYR B 143 9.00 -23.33 1.94
N ILE B 144 8.45 -22.25 2.52
CA ILE B 144 9.27 -21.27 3.21
C ILE B 144 10.02 -21.89 4.38
N LEU B 145 9.34 -22.75 5.18
CA LEU B 145 9.97 -23.42 6.32
C LEU B 145 11.01 -24.45 5.87
N ARG B 146 10.74 -25.17 4.78
CA ARG B 146 11.69 -26.17 4.28
C ARG B 146 13.01 -25.47 3.92
N ASP B 147 12.91 -24.37 3.17
CA ASP B 147 14.08 -23.66 2.70
C ASP B 147 14.82 -23.04 3.88
N ALA B 148 14.05 -22.53 4.85
CA ALA B 148 14.60 -21.83 6.01
C ALA B 148 15.29 -22.81 6.96
N ILE B 149 14.79 -24.05 7.04
CA ILE B 149 15.43 -25.10 7.82
C ILE B 149 16.77 -25.47 7.18
N GLU B 150 16.83 -25.60 5.85
CA GLU B 150 18.09 -25.82 5.15
C GLU B 150 19.08 -24.71 5.43
N GLU B 151 18.61 -23.46 5.49
CA GLU B 151 19.47 -22.32 5.77
C GLU B 151 20.15 -22.48 7.14
N ALA B 152 19.38 -22.91 8.16
CA ALA B 152 19.90 -23.09 9.50
C ALA B 152 20.93 -24.22 9.53
N LYS B 153 20.65 -25.31 8.80
CA LYS B 153 21.54 -26.45 8.76
C LYS B 153 22.92 -26.04 8.23
N LYS B 154 22.94 -25.29 7.12
CA LYS B 154 24.17 -24.86 6.47
C LYS B 154 24.92 -23.84 7.33
N LYS B 155 24.20 -23.08 8.15
CA LYS B 155 24.81 -22.12 9.05
C LYS B 155 25.09 -22.76 10.41
N GLY B 156 24.88 -24.08 10.55
CA GLY B 156 25.33 -24.86 11.70
C GLY B 156 24.40 -24.81 12.93
N PHE B 157 23.11 -24.49 12.74
CA PHE B 157 22.21 -24.37 13.87
C PHE B 157 21.39 -25.66 14.11
N LEU B 158 21.33 -26.55 13.10
CA LEU B 158 20.63 -27.83 13.15
C LEU B 158 21.65 -28.90 12.80
N GLY B 159 21.24 -30.17 12.86
CA GLY B 159 22.15 -31.28 12.60
C GLY B 159 22.71 -31.79 13.92
N LYS B 160 23.85 -32.50 13.85
CA LYS B 160 24.51 -33.07 15.02
C LYS B 160 25.47 -32.05 15.65
N ASN B 161 25.65 -32.19 16.97
CA ASN B 161 26.66 -31.49 17.74
C ASN B 161 26.60 -30.02 17.37
N ILE B 162 25.42 -29.42 17.54
CA ILE B 162 25.14 -28.04 17.18
C ILE B 162 26.06 -27.10 17.95
N LEU B 163 26.90 -26.37 17.21
CA LEU B 163 27.82 -25.36 17.72
C LEU B 163 28.65 -25.90 18.88
N GLY B 164 29.01 -27.19 18.84
CA GLY B 164 29.96 -27.74 19.78
C GLY B 164 29.32 -28.16 21.11
N SER B 165 27.99 -28.04 21.21
CA SER B 165 27.25 -28.21 22.45
C SER B 165 27.03 -29.68 22.78
N GLY B 166 27.05 -30.53 21.75
CA GLY B 166 26.76 -31.94 21.93
C GLY B 166 25.28 -32.25 21.72
N PHE B 167 24.50 -31.24 21.34
CA PHE B 167 23.07 -31.38 21.20
C PHE B 167 22.69 -31.54 19.71
N ASP B 168 22.07 -32.70 19.42
CA ASP B 168 21.57 -33.05 18.10
C ASP B 168 20.11 -32.63 17.97
N LEU B 169 19.74 -32.13 16.79
CA LEU B 169 18.35 -31.83 16.50
C LEU B 169 18.11 -31.88 15.00
N GLU B 170 17.01 -32.57 14.62
CA GLU B 170 16.47 -32.51 13.27
C GLU B 170 15.04 -31.99 13.38
N ILE B 171 14.61 -31.15 12.42
CA ILE B 171 13.27 -30.60 12.39
C ILE B 171 12.61 -31.06 11.09
N TYR B 172 11.58 -31.91 11.24
CA TYR B 172 10.77 -32.41 10.14
C TYR B 172 9.56 -31.51 9.98
N VAL B 173 9.15 -31.25 8.73
CA VAL B 173 7.96 -30.45 8.45
C VAL B 173 6.89 -31.36 7.86
N ALA B 174 5.76 -31.45 8.57
CA ALA B 174 4.60 -32.22 8.13
C ALA B 174 3.47 -31.28 7.70
N ARG B 175 2.65 -31.77 6.75
CA ARG B 175 1.49 -31.03 6.29
C ARG B 175 0.21 -31.71 6.75
N GLY B 176 -0.78 -30.88 7.11
CA GLY B 176 -2.15 -31.33 7.25
C GLY B 176 -2.80 -31.55 5.88
N ALA B 177 -4.09 -31.92 5.90
CA ALA B 177 -4.82 -32.16 4.67
C ALA B 177 -6.32 -31.85 4.78
N GLY B 178 -6.70 -30.92 5.67
CA GLY B 178 -7.99 -30.24 5.59
C GLY B 178 -8.87 -30.38 6.82
N ALA B 179 -8.31 -30.84 7.94
CA ALA B 179 -9.11 -31.08 9.13
C ALA B 179 -8.67 -30.14 10.24
N TYR B 180 -9.62 -29.32 10.71
CA TYR B 180 -9.40 -28.39 11.81
C TYR B 180 -9.11 -29.15 13.09
N ILE B 181 -9.65 -30.37 13.24
CA ILE B 181 -9.46 -31.10 14.48
C ILE B 181 -7.97 -31.46 14.66
N CYS B 182 -7.22 -31.45 13.56
CA CYS B 182 -5.80 -31.75 13.60
C CYS B 182 -4.99 -30.70 14.35
N GLY B 183 -5.60 -29.55 14.65
CA GLY B 183 -5.03 -28.59 15.59
C GLY B 183 -5.08 -29.05 17.05
N GLU B 184 -6.03 -29.94 17.38
CA GLU B 184 -6.12 -30.47 18.73
C GLU B 184 -4.90 -31.36 18.91
N GLU B 185 -4.12 -31.11 19.97
CA GLU B 185 -2.79 -31.69 20.16
C GLU B 185 -2.77 -33.22 19.99
N THR B 186 -3.75 -33.97 20.53
CA THR B 186 -3.68 -35.43 20.43
C THR B 186 -4.01 -35.90 19.01
N ALA B 187 -4.92 -35.20 18.31
CA ALA B 187 -5.23 -35.52 16.92
C ALA B 187 -4.05 -35.20 16.03
N LEU B 188 -3.40 -34.06 16.32
CA LEU B 188 -2.16 -33.66 15.66
C LEU B 188 -1.19 -34.83 15.71
N ILE B 189 -0.95 -35.33 16.91
CA ILE B 189 -0.02 -36.43 17.12
C ILE B 189 -0.45 -37.65 16.30
N GLU B 190 -1.73 -38.06 16.36
CA GLU B 190 -2.20 -39.16 15.55
C GLU B 190 -1.88 -38.93 14.07
N SER B 191 -2.13 -37.72 13.56
CA SER B 191 -1.87 -37.39 12.15
C SER B 191 -0.39 -37.60 11.80
N LEU B 192 0.49 -37.26 12.74
CA LEU B 192 1.92 -37.41 12.59
C LEU B 192 2.31 -38.88 12.60
N GLU B 193 1.46 -39.72 13.21
CA GLU B 193 1.75 -41.15 13.31
C GLU B 193 1.19 -41.92 12.11
N GLY B 194 0.62 -41.18 11.14
CA GLY B 194 0.24 -41.74 9.85
C GLY B 194 -1.26 -42.00 9.75
N LYS B 195 -2.04 -41.45 10.69
CA LYS B 195 -3.41 -41.87 10.85
C LYS B 195 -4.37 -40.69 10.73
N ARG B 196 -5.65 -41.04 10.78
CA ARG B 196 -6.71 -40.05 10.86
C ARG B 196 -6.55 -39.22 12.12
N GLY B 197 -7.02 -37.99 12.04
CA GLY B 197 -6.83 -37.02 13.10
C GLY B 197 -7.98 -37.11 14.10
N HIS B 198 -7.95 -38.19 14.90
CA HIS B 198 -8.93 -38.47 15.91
C HIS B 198 -8.32 -38.15 17.26
N PRO B 199 -8.86 -37.19 18.06
CA PRO B 199 -8.39 -37.00 19.43
C PRO B 199 -8.41 -38.28 20.26
N ARG B 200 -7.48 -38.35 21.21
CA ARG B 200 -7.38 -39.44 22.17
C ARG B 200 -8.01 -39.03 23.49
N LEU B 201 -8.54 -40.01 24.21
CA LEU B 201 -9.00 -39.81 25.57
C LEU B 201 -7.81 -39.35 26.39
N LYS B 202 -7.99 -38.25 27.12
CA LYS B 202 -7.03 -37.76 28.09
C LYS B 202 -7.66 -37.93 29.48
N PRO B 203 -6.88 -38.15 30.57
CA PRO B 203 -5.47 -38.53 30.48
C PRO B 203 -5.36 -39.90 29.81
N PRO B 204 -4.16 -40.37 29.39
CA PRO B 204 -2.89 -39.64 29.57
C PRO B 204 -2.77 -38.41 28.66
N TYR B 205 -2.08 -37.40 29.18
CA TYR B 205 -1.81 -36.17 28.45
C TYR B 205 -0.50 -36.35 27.68
N PRO B 206 -0.31 -35.67 26.53
CA PRO B 206 0.92 -35.79 25.74
C PRO B 206 2.28 -35.69 26.44
N VAL B 207 2.38 -34.83 27.46
CA VAL B 207 3.64 -34.62 28.16
C VAL B 207 4.11 -35.93 28.80
N GLN B 208 3.18 -36.85 29.10
CA GLN B 208 3.52 -38.20 29.55
C GLN B 208 3.55 -39.18 28.37
N LYS B 209 2.45 -39.25 27.61
CA LYS B 209 2.34 -40.16 26.49
C LYS B 209 1.80 -39.42 25.26
N GLY B 210 2.66 -39.24 24.24
CA GLY B 210 2.33 -38.50 23.03
C GLY B 210 2.77 -39.27 21.79
N LEU B 211 3.73 -38.70 21.04
CA LEU B 211 4.19 -39.30 19.80
C LEU B 211 4.91 -40.61 20.16
N TRP B 212 4.45 -41.72 19.57
CA TRP B 212 4.95 -43.06 19.84
C TRP B 212 4.93 -43.37 21.34
N GLY B 213 3.95 -42.79 22.05
CA GLY B 213 3.78 -43.06 23.47
C GLY B 213 4.83 -42.39 24.37
N LYS B 214 5.59 -41.41 23.84
CA LYS B 214 6.71 -40.84 24.57
C LYS B 214 6.39 -39.41 25.00
N PRO B 215 7.06 -38.86 26.04
CA PRO B 215 6.85 -37.47 26.47
C PRO B 215 6.94 -36.51 25.29
N THR B 216 5.92 -35.67 25.11
CA THR B 216 5.79 -34.83 23.93
C THR B 216 5.26 -33.46 24.31
N VAL B 217 5.99 -32.40 23.97
CA VAL B 217 5.49 -31.05 24.17
C VAL B 217 5.01 -30.51 22.83
N VAL B 218 3.76 -30.03 22.83
CA VAL B 218 3.18 -29.33 21.70
C VAL B 218 3.00 -27.87 22.11
N ASN B 219 3.57 -26.94 21.33
CA ASN B 219 3.35 -25.52 21.55
C ASN B 219 2.89 -24.89 20.23
N ASN B 220 2.07 -23.83 20.35
CA ASN B 220 1.62 -23.00 19.24
C ASN B 220 2.77 -22.16 18.66
N VAL B 221 2.73 -21.89 17.34
CA VAL B 221 3.71 -21.06 16.66
C VAL B 221 4.04 -19.81 17.47
N GLU B 222 3.02 -19.03 17.82
CA GLU B 222 3.18 -17.77 18.53
C GLU B 222 3.88 -17.99 19.87
N THR B 223 3.51 -19.05 20.60
CA THR B 223 4.14 -19.36 21.87
C THR B 223 5.65 -19.46 21.69
N ILE B 224 6.08 -20.26 20.69
CA ILE B 224 7.48 -20.59 20.45
C ILE B 224 8.25 -19.32 20.03
N ALA B 225 7.53 -18.42 19.33
CA ALA B 225 8.04 -17.15 18.83
C ALA B 225 8.45 -16.21 19.96
N ASN B 226 7.95 -16.42 21.17
CA ASN B 226 8.35 -15.63 22.33
C ASN B 226 9.67 -16.12 22.93
N VAL B 227 10.16 -17.30 22.52
CA VAL B 227 11.20 -17.93 23.32
C VAL B 227 12.52 -17.16 23.14
N ARG B 228 12.83 -16.81 21.89
CA ARG B 228 14.02 -16.04 21.59
C ARG B 228 14.14 -14.86 22.54
N PHE B 229 13.04 -14.12 22.71
CA PHE B 229 12.99 -12.85 23.43
C PHE B 229 13.25 -13.04 24.92
N ILE B 230 12.75 -14.14 25.48
CA ILE B 230 12.87 -14.44 26.89
C ILE B 230 14.32 -14.74 27.27
N ILE B 231 15.03 -15.48 26.41
CA ILE B 231 16.44 -15.79 26.63
C ILE B 231 17.30 -14.54 26.40
N SER B 232 16.95 -13.74 25.39
CA SER B 232 17.71 -12.57 24.99
C SER B 232 17.61 -11.43 26.00
N MET B 233 16.40 -11.12 26.48
CA MET B 233 16.17 -10.02 27.41
C MET B 233 16.32 -10.46 28.86
N GLY B 234 16.22 -11.77 29.11
CA GLY B 234 15.99 -12.27 30.45
C GLY B 234 14.51 -12.17 30.82
N TRP B 235 14.10 -12.99 31.80
CA TRP B 235 12.70 -13.07 32.17
C TRP B 235 12.23 -11.76 32.80
N GLU B 236 13.15 -11.07 33.50
CA GLU B 236 12.78 -9.87 34.23
C GLU B 236 12.34 -8.77 33.27
N GLU B 237 13.17 -8.49 32.27
CA GLU B 237 12.84 -7.47 31.28
C GLU B 237 11.58 -7.88 30.49
N TYR B 238 11.39 -9.18 30.21
CA TYR B 238 10.22 -9.67 29.48
C TYR B 238 8.93 -9.33 30.24
N ARG B 239 8.91 -9.55 31.55
CA ARG B 239 7.70 -9.26 32.33
C ARG B 239 7.38 -7.77 32.38
N TYR B 240 8.33 -6.92 31.97
CA TYR B 240 8.13 -5.48 32.00
C TYR B 240 7.32 -5.05 30.77
N ILE B 241 7.06 -5.98 29.85
CA ILE B 241 6.26 -5.72 28.67
C ILE B 241 4.79 -5.89 29.02
N GLY B 242 4.02 -4.81 28.93
CA GLY B 242 2.60 -4.86 29.23
C GLY B 242 2.35 -5.03 30.73
N PRO B 243 1.10 -5.44 31.08
CA PRO B 243 0.73 -5.64 32.49
C PRO B 243 1.54 -6.79 33.10
N SER B 244 1.92 -6.60 34.36
CA SER B 244 2.81 -7.52 35.07
C SER B 244 2.11 -8.88 35.30
N ASP B 245 0.79 -8.85 35.53
CA ASP B 245 0.00 -10.07 35.67
C ASP B 245 -0.09 -10.84 34.35
N TYR B 246 -0.27 -10.13 33.22
CA TYR B 246 -0.38 -10.76 31.91
C TYR B 246 0.61 -10.11 30.95
N ALA B 247 1.87 -10.54 31.05
CA ALA B 247 2.98 -9.82 30.41
C ALA B 247 3.38 -10.49 29.10
N GLY B 248 3.94 -9.70 28.20
CA GLY B 248 4.50 -10.21 26.95
C GLY B 248 3.78 -9.63 25.75
N PRO B 249 4.38 -9.76 24.54
CA PRO B 249 3.72 -9.35 23.31
C PRO B 249 2.60 -10.32 22.94
N LYS B 250 1.55 -9.82 22.27
CA LYS B 250 0.48 -10.67 21.78
C LYS B 250 0.07 -10.22 20.40
N LEU B 251 -0.14 -11.19 19.49
CA LEU B 251 -0.72 -10.93 18.18
C LEU B 251 -2.24 -11.00 18.26
N PHE B 252 -2.88 -10.01 17.60
CA PHE B 252 -4.32 -9.92 17.44
C PHE B 252 -4.72 -9.85 15.96
N PRO B 253 -5.19 -10.93 15.32
CA PRO B 253 -5.69 -10.84 13.93
C PRO B 253 -7.10 -10.27 13.98
N VAL B 254 -7.32 -9.12 13.34
CA VAL B 254 -8.57 -8.39 13.34
C VAL B 254 -9.14 -8.39 11.92
N SER B 255 -10.41 -8.82 11.78
CA SER B 255 -11.10 -8.87 10.50
C SER B 255 -12.55 -8.45 10.69
N GLY B 256 -13.35 -8.59 9.62
CA GLY B 256 -14.72 -8.09 9.61
C GLY B 256 -14.73 -6.61 9.25
N LYS B 257 -15.66 -5.88 9.89
CA LYS B 257 -16.05 -4.55 9.44
C LYS B 257 -15.17 -3.44 10.02
N VAL B 258 -13.84 -3.61 9.98
CA VAL B 258 -12.93 -2.54 10.36
C VAL B 258 -12.28 -1.94 9.11
N LYS B 259 -11.71 -0.74 9.25
CA LYS B 259 -11.04 -0.05 8.15
C LYS B 259 -9.65 -0.63 7.89
N LYS B 260 -8.94 -1.05 8.94
CA LYS B 260 -7.59 -1.60 8.80
C LYS B 260 -7.51 -3.03 9.32
N PRO B 261 -8.07 -4.03 8.59
CA PRO B 261 -7.93 -5.42 8.98
C PRO B 261 -6.48 -5.90 8.82
N GLY B 262 -6.00 -6.67 9.81
CA GLY B 262 -4.69 -7.30 9.73
C GLY B 262 -4.23 -7.77 11.11
N VAL B 263 -2.93 -7.95 11.29
CA VAL B 263 -2.43 -8.47 12.54
C VAL B 263 -1.81 -7.32 13.34
N TYR B 264 -2.15 -7.24 14.64
CA TYR B 264 -1.62 -6.18 15.49
C TYR B 264 -0.81 -6.79 16.63
N GLU B 265 0.46 -6.39 16.77
CA GLU B 265 1.22 -6.80 17.93
C GLU B 265 1.06 -5.76 19.03
N LEU B 266 0.44 -6.16 20.15
CA LEU B 266 0.02 -5.22 21.19
C LEU B 266 0.23 -5.84 22.58
N PRO B 267 0.30 -5.03 23.65
CA PRO B 267 0.31 -5.59 25.00
C PRO B 267 -1.12 -5.94 25.40
N MET B 268 -1.27 -6.75 26.46
CA MET B 268 -2.55 -7.35 26.81
C MET B 268 -3.31 -6.53 27.84
N ASN B 269 -2.86 -5.32 28.15
CA ASN B 269 -3.68 -4.35 28.86
C ASN B 269 -4.56 -3.56 27.89
N THR B 270 -4.27 -3.68 26.57
CA THR B 270 -5.05 -3.05 25.51
C THR B 270 -6.50 -3.52 25.65
N THR B 271 -7.48 -2.62 25.53
CA THR B 271 -8.88 -3.00 25.55
C THR B 271 -9.30 -3.42 24.15
N LEU B 272 -10.49 -4.04 24.06
CA LEU B 272 -11.09 -4.51 22.82
C LEU B 272 -11.48 -3.32 21.94
N ARG B 273 -12.10 -2.31 22.58
CA ARG B 273 -12.44 -1.05 21.94
C ARG B 273 -11.22 -0.40 21.26
N GLU B 274 -10.05 -0.50 21.92
CA GLU B 274 -8.83 0.10 21.41
C GLU B 274 -8.31 -0.65 20.18
N VAL B 275 -8.37 -1.97 20.21
CA VAL B 275 -8.01 -2.79 19.06
C VAL B 275 -8.80 -2.28 17.85
N ILE B 276 -10.09 -2.10 18.04
CA ILE B 276 -11.01 -1.80 16.95
C ILE B 276 -10.85 -0.33 16.54
N PHE B 277 -10.84 0.56 17.55
CA PHE B 277 -11.00 1.99 17.30
C PHE B 277 -9.66 2.74 17.31
N LYS B 278 -8.67 2.30 18.10
CA LYS B 278 -7.40 3.00 18.15
C LYS B 278 -6.45 2.44 17.10
N TYR B 279 -6.41 1.10 16.95
CA TYR B 279 -5.41 0.45 16.12
C TYR B 279 -5.97 0.10 14.74
N ALA B 280 -7.13 -0.58 14.68
CA ALA B 280 -7.66 -1.14 13.45
C ALA B 280 -8.43 -0.13 12.60
N GLY B 281 -8.56 1.12 13.07
CA GLY B 281 -9.09 2.21 12.26
C GLY B 281 -10.56 2.55 12.54
N GLY B 282 -11.19 1.83 13.47
CA GLY B 282 -12.63 1.94 13.64
C GLY B 282 -13.33 1.08 12.59
N THR B 283 -14.64 1.30 12.43
CA THR B 283 -15.50 0.42 11.65
C THR B 283 -15.66 0.99 10.24
N LEU B 284 -15.90 0.11 9.28
CA LEU B 284 -16.31 0.50 7.93
C LEU B 284 -17.57 1.36 8.03
N GLY B 285 -17.55 2.50 7.34
CA GLY B 285 -18.68 3.41 7.27
C GLY B 285 -18.95 4.14 8.58
N ASN B 286 -18.04 3.96 9.56
CA ASN B 286 -18.21 4.37 10.95
C ASN B 286 -19.52 3.85 11.55
N LYS B 287 -19.89 2.59 11.26
CA LYS B 287 -21.13 2.05 11.79
C LYS B 287 -20.89 1.55 13.21
N LYS B 288 -21.97 1.40 13.98
CA LYS B 288 -21.86 0.93 15.35
C LYS B 288 -21.49 -0.56 15.36
N VAL B 289 -20.60 -0.94 16.28
CA VAL B 289 -20.31 -2.34 16.48
C VAL B 289 -21.57 -3.01 17.05
N LYS B 290 -21.92 -4.19 16.49
CA LYS B 290 -23.02 -4.99 16.98
C LYS B 290 -22.47 -6.11 17.85
N ALA B 291 -21.46 -6.82 17.35
CA ALA B 291 -20.85 -7.90 18.10
C ALA B 291 -19.43 -8.14 17.62
N VAL B 292 -18.65 -8.82 18.46
CA VAL B 292 -17.33 -9.31 18.11
C VAL B 292 -17.33 -10.82 18.37
N PHE B 293 -17.00 -11.60 17.32
CA PHE B 293 -16.77 -13.03 17.46
C PHE B 293 -15.30 -13.29 17.73
N SER B 294 -15.01 -13.87 18.91
CA SER B 294 -13.70 -14.37 19.24
C SER B 294 -13.53 -15.71 18.55
N GLY B 295 -13.08 -15.68 17.28
CA GLY B 295 -13.02 -16.88 16.47
C GLY B 295 -14.41 -17.51 16.32
N ALA B 296 -14.50 -18.82 16.57
CA ALA B 296 -15.76 -19.54 16.62
C ALA B 296 -16.06 -19.97 18.06
N LEU B 297 -15.70 -19.15 19.05
CA LEU B 297 -15.73 -19.59 20.44
C LEU B 297 -16.68 -18.73 21.26
N ASP B 298 -16.52 -17.40 21.25
CA ASP B 298 -17.29 -16.51 22.08
C ASP B 298 -17.86 -15.39 21.21
N CYS B 299 -18.99 -14.79 21.64
CA CYS B 299 -19.56 -13.62 21.01
C CYS B 299 -19.76 -12.52 22.04
N PHE B 300 -19.06 -11.40 21.81
CA PHE B 300 -19.11 -10.23 22.68
C PHE B 300 -20.05 -9.19 22.06
N SER B 301 -20.92 -8.65 22.93
CA SER B 301 -21.84 -7.59 22.57
C SER B 301 -21.09 -6.25 22.61
N SER B 302 -21.75 -5.22 22.08
CA SER B 302 -21.19 -3.90 21.99
C SER B 302 -21.13 -3.26 23.38
N GLU B 303 -21.73 -3.91 24.38
CA GLU B 303 -21.64 -3.47 25.77
C GLU B 303 -20.41 -4.07 26.46
N GLU B 304 -19.59 -4.86 25.75
CA GLU B 304 -18.50 -5.59 26.39
C GLU B 304 -17.13 -5.18 25.80
N LEU B 305 -17.01 -3.95 25.29
CA LEU B 305 -15.80 -3.54 24.55
C LEU B 305 -14.71 -3.08 25.51
N ASP B 306 -15.06 -2.74 26.75
CA ASP B 306 -14.09 -2.15 27.66
C ASP B 306 -13.21 -3.19 28.33
N ILE B 307 -13.36 -4.46 27.95
CA ILE B 307 -12.62 -5.55 28.56
C ILE B 307 -11.17 -5.55 28.05
N PRO B 308 -10.22 -6.01 28.90
CA PRO B 308 -8.82 -6.15 28.51
C PRO B 308 -8.61 -7.39 27.64
N MET B 309 -7.63 -7.34 26.72
CA MET B 309 -7.35 -8.43 25.79
C MET B 309 -6.37 -9.39 26.44
N ASP B 310 -6.69 -9.86 27.67
CA ASP B 310 -5.77 -10.68 28.45
C ASP B 310 -6.42 -12.02 28.76
N TYR B 311 -5.79 -12.79 29.66
CA TYR B 311 -6.26 -14.10 30.07
C TYR B 311 -6.91 -14.02 31.45
N SER B 312 -7.37 -12.82 31.83
CA SER B 312 -8.07 -12.65 33.10
C SER B 312 -9.47 -13.25 33.01
N PRO B 313 -10.13 -13.57 34.16
CA PRO B 313 -11.52 -14.05 34.16
C PRO B 313 -12.49 -13.23 33.32
N LEU B 314 -12.29 -11.90 33.28
CA LEU B 314 -13.21 -11.02 32.57
C LEU B 314 -12.64 -10.58 31.24
N GLY B 315 -11.42 -11.03 30.91
CA GLY B 315 -10.76 -10.63 29.68
C GLY B 315 -11.31 -11.37 28.45
N PHE B 316 -10.96 -10.87 27.25
CA PHE B 316 -11.39 -11.42 25.98
C PHE B 316 -11.00 -12.89 25.89
N GLY B 317 -9.74 -13.20 26.13
CA GLY B 317 -9.31 -14.58 26.24
C GLY B 317 -9.03 -15.14 24.85
N GLY B 318 -9.22 -16.46 24.71
CA GLY B 318 -9.12 -17.12 23.42
C GLY B 318 -7.70 -17.05 22.86
N THR B 319 -7.62 -16.66 21.58
CA THR B 319 -6.37 -16.46 20.87
C THR B 319 -6.25 -15.00 20.44
N GLY B 320 -7.07 -14.11 21.03
CA GLY B 320 -7.16 -12.71 20.64
C GLY B 320 -7.67 -12.49 19.21
N THR B 321 -8.43 -13.43 18.66
CA THR B 321 -9.01 -13.27 17.33
C THR B 321 -10.21 -12.34 17.43
N VAL B 322 -10.25 -11.30 16.56
CA VAL B 322 -11.29 -10.30 16.62
C VAL B 322 -11.95 -10.17 15.25
N ILE B 323 -13.18 -10.69 15.14
CA ILE B 323 -14.04 -10.53 13.98
C ILE B 323 -15.15 -9.56 14.35
N VAL B 324 -15.22 -8.42 13.64
CA VAL B 324 -16.15 -7.35 13.98
C VAL B 324 -17.36 -7.40 13.05
N LEU B 325 -18.55 -7.38 13.67
CA LEU B 325 -19.85 -7.29 13.01
C LEU B 325 -20.48 -5.95 13.37
N THR B 326 -21.09 -5.25 12.40
CA THR B 326 -21.65 -3.92 12.65
C THR B 326 -23.17 -4.01 12.56
N GLU B 327 -23.86 -2.86 12.63
CA GLU B 327 -25.28 -2.81 12.98
C GLU B 327 -26.18 -3.44 11.92
N GLU B 328 -25.67 -3.70 10.70
CA GLU B 328 -26.49 -4.28 9.65
C GLU B 328 -26.12 -5.75 9.38
N ASP B 329 -25.18 -6.33 10.12
CA ASP B 329 -24.90 -7.74 9.98
C ASP B 329 -25.95 -8.53 10.76
N ASP B 330 -26.50 -9.56 10.11
CA ASP B 330 -27.58 -10.33 10.69
C ASP B 330 -26.97 -11.41 11.60
N ILE B 331 -27.31 -11.42 12.89
CA ILE B 331 -26.67 -12.26 13.90
C ILE B 331 -26.96 -13.74 13.60
N VAL B 332 -28.15 -14.03 13.05
CA VAL B 332 -28.60 -15.40 12.81
C VAL B 332 -27.86 -15.99 11.59
N GLU B 333 -27.79 -15.21 10.50
CA GLU B 333 -26.95 -15.53 9.37
C GLU B 333 -25.53 -15.89 9.85
N ALA B 334 -25.00 -15.11 10.81
CA ALA B 334 -23.63 -15.29 11.27
C ALA B 334 -23.51 -16.55 12.12
N ALA B 335 -24.47 -16.77 13.02
CA ALA B 335 -24.50 -17.99 13.83
C ALA B 335 -24.56 -19.21 12.91
N LEU B 336 -25.32 -19.11 11.80
CA LEU B 336 -25.39 -20.21 10.84
C LEU B 336 -23.99 -20.57 10.35
N LYS B 337 -23.16 -19.55 10.07
CA LYS B 337 -21.83 -19.76 9.53
C LYS B 337 -20.90 -20.47 10.53
N ILE B 338 -21.02 -20.08 11.80
CA ILE B 338 -20.32 -20.75 12.89
C ILE B 338 -20.77 -22.21 13.01
N ALA B 339 -22.08 -22.49 12.90
CA ALA B 339 -22.60 -23.84 12.99
C ALA B 339 -22.12 -24.68 11.82
N GLU B 340 -22.09 -24.05 10.64
CA GLU B 340 -21.64 -24.72 9.43
C GLU B 340 -20.20 -25.16 9.66
N PHE B 341 -19.39 -24.33 10.36
CA PHE B 341 -18.00 -24.68 10.61
C PHE B 341 -17.94 -25.96 11.45
N TYR B 342 -18.70 -26.02 12.56
CA TYR B 342 -18.61 -27.16 13.47
C TYR B 342 -19.15 -28.41 12.80
N GLU B 343 -20.23 -28.30 12.02
CA GLU B 343 -20.70 -29.42 11.22
C GLU B 343 -19.58 -29.98 10.34
N HIS B 344 -18.73 -29.13 9.77
CA HIS B 344 -17.72 -29.59 8.82
C HIS B 344 -16.49 -30.12 9.56
N GLU B 345 -16.35 -29.89 10.87
CA GLU B 345 -15.09 -30.20 11.53
C GLU B 345 -15.21 -31.25 12.64
N THR B 346 -16.41 -31.59 13.13
CA THR B 346 -16.50 -32.69 14.08
C THR B 346 -15.88 -33.93 13.42
N CYS B 347 -15.06 -34.69 14.16
CA CYS B 347 -14.41 -35.89 13.64
C CYS B 347 -15.32 -37.11 13.74
N GLY B 348 -16.31 -37.03 14.62
CA GLY B 348 -17.43 -37.95 14.63
C GLY B 348 -17.26 -39.13 15.59
N GLN B 349 -16.20 -39.12 16.41
CA GLN B 349 -15.93 -40.21 17.33
C GLN B 349 -16.99 -40.31 18.42
N CYS B 350 -17.45 -39.16 18.91
CA CYS B 350 -18.39 -39.05 20.02
C CYS B 350 -19.78 -38.74 19.44
N THR B 351 -20.82 -39.39 19.96
CA THR B 351 -22.11 -39.38 19.32
C THR B 351 -22.79 -38.01 19.47
N PRO B 352 -22.85 -37.40 20.66
CA PRO B 352 -23.53 -36.10 20.77
C PRO B 352 -22.86 -34.99 19.95
N CYS B 353 -21.52 -34.97 19.92
CA CYS B 353 -20.76 -34.11 19.02
C CYS B 353 -21.03 -34.46 17.54
N ARG B 354 -20.93 -35.73 17.15
CA ARG B 354 -21.14 -36.11 15.75
C ARG B 354 -22.51 -35.64 15.28
N VAL B 355 -23.51 -35.90 16.13
CA VAL B 355 -24.91 -35.76 15.76
C VAL B 355 -25.34 -34.30 15.92
N GLY B 356 -24.92 -33.68 17.02
CA GLY B 356 -25.31 -32.32 17.39
C GLY B 356 -24.73 -31.23 16.47
N CYS B 357 -23.43 -31.33 16.11
CA CYS B 357 -22.85 -30.40 15.16
C CYS B 357 -23.63 -30.42 13.83
N TYR B 358 -24.10 -31.59 13.40
CA TYR B 358 -24.83 -31.71 12.16
C TYR B 358 -26.23 -31.12 12.27
N GLU B 359 -26.93 -31.43 13.38
CA GLU B 359 -28.32 -31.03 13.56
C GLU B 359 -28.40 -29.53 13.83
N GLN B 360 -27.44 -28.99 14.58
CA GLN B 360 -27.41 -27.56 14.84
C GLN B 360 -27.31 -26.79 13.53
N ALA B 361 -26.41 -27.25 12.64
CA ALA B 361 -26.29 -26.63 11.33
C ALA B 361 -27.57 -26.79 10.52
N ASN B 362 -28.11 -28.00 10.48
CA ASN B 362 -29.19 -28.32 9.56
C ASN B 362 -30.48 -27.62 9.99
N LEU B 363 -30.75 -27.65 11.30
CA LEU B 363 -31.91 -26.97 11.85
C LEU B 363 -31.74 -25.44 11.79
N LEU B 364 -30.54 -24.94 12.07
CA LEU B 364 -30.35 -23.50 12.02
C LEU B 364 -30.56 -23.02 10.58
N GLU B 365 -30.15 -23.83 9.61
CA GLU B 365 -30.38 -23.47 8.21
C GLU B 365 -31.88 -23.39 7.91
N LYS B 366 -32.67 -24.28 8.52
CA LYS B 366 -34.12 -24.26 8.36
C LYS B 366 -34.70 -22.99 8.98
N ILE B 367 -34.18 -22.61 10.15
CA ILE B 367 -34.62 -21.39 10.82
C ILE B 367 -34.32 -20.20 9.92
N TYR B 368 -33.08 -20.10 9.42
CA TYR B 368 -32.67 -18.97 8.61
C TYR B 368 -33.57 -18.83 7.38
N LYS B 369 -33.87 -19.94 6.70
CA LYS B 369 -34.62 -19.89 5.44
C LYS B 369 -36.13 -19.82 5.67
N GLY B 370 -36.59 -19.81 6.92
CA GLY B 370 -38.00 -19.64 7.25
C GLY B 370 -38.83 -20.90 7.01
N GLU B 371 -38.18 -22.07 7.11
CA GLU B 371 -38.80 -23.37 6.80
C GLU B 371 -38.84 -24.27 8.04
N ALA B 372 -38.60 -23.69 9.23
CA ALA B 372 -38.54 -24.46 10.45
C ALA B 372 -39.94 -24.58 11.04
N THR B 373 -40.35 -25.81 11.38
CA THR B 373 -41.54 -26.09 12.18
C THR B 373 -41.29 -25.68 13.62
N GLU B 374 -42.34 -25.76 14.46
CA GLU B 374 -42.22 -25.48 15.89
C GLU B 374 -41.27 -26.47 16.56
N GLN B 375 -41.29 -27.74 16.11
CA GLN B 375 -40.46 -28.78 16.67
C GLN B 375 -38.98 -28.58 16.28
N ASP B 376 -38.70 -28.13 15.06
CA ASP B 376 -37.33 -27.84 14.62
C ASP B 376 -36.69 -26.76 15.50
N TRP B 377 -37.50 -25.78 15.91
CA TRP B 377 -37.06 -24.70 16.80
C TRP B 377 -36.69 -25.23 18.19
N GLU B 378 -37.57 -26.06 18.77
CA GLU B 378 -37.33 -26.64 20.08
C GLU B 378 -36.20 -27.67 20.02
N GLY B 379 -36.06 -28.32 18.85
CA GLY B 379 -35.00 -29.28 18.64
C GLY B 379 -33.65 -28.58 18.49
N PHE B 380 -33.65 -27.43 17.81
CA PHE B 380 -32.45 -26.62 17.68
C PHE B 380 -31.96 -26.22 19.06
N ASP B 381 -32.85 -25.63 19.87
CA ASP B 381 -32.52 -25.24 21.22
C ASP B 381 -31.92 -26.43 21.97
N PHE B 382 -32.58 -27.60 21.88
CA PHE B 382 -32.17 -28.80 22.61
C PHE B 382 -30.78 -29.26 22.18
N VAL B 383 -30.55 -29.40 20.87
CA VAL B 383 -29.29 -29.89 20.33
C VAL B 383 -28.14 -28.97 20.74
N ASN B 384 -28.36 -27.66 20.60
CA ASN B 384 -27.38 -26.66 20.98
C ASN B 384 -26.87 -26.82 22.42
N ARG B 385 -27.72 -27.31 23.32
CA ARG B 385 -27.34 -27.53 24.71
C ARG B 385 -26.76 -28.94 24.96
N ASN B 386 -26.59 -29.77 23.93
CA ASN B 386 -26.31 -31.18 24.14
C ASN B 386 -25.36 -31.73 23.09
N ILE B 387 -24.40 -30.89 22.70
CA ILE B 387 -23.27 -31.32 21.90
C ILE B 387 -22.15 -31.82 22.81
N GLN B 388 -22.07 -31.31 24.05
N GLN B 388 -22.10 -31.29 24.04
CA GLN B 388 -20.90 -31.50 24.89
CA GLN B 388 -20.98 -31.47 24.93
C GLN B 388 -20.89 -32.87 25.56
C GLN B 388 -20.91 -32.89 25.50
N PRO B 389 -22.01 -33.48 26.01
CA PRO B 389 -21.95 -34.79 26.70
C PRO B 389 -21.12 -35.90 26.03
N THR B 390 -20.23 -36.51 26.84
CA THR B 390 -19.36 -37.65 26.51
C THR B 390 -18.17 -37.25 25.64
N SER B 391 -18.06 -35.97 25.24
CA SER B 391 -17.01 -35.57 24.31
C SER B 391 -15.63 -35.72 24.95
N ILE B 392 -14.68 -36.18 24.15
CA ILE B 392 -13.33 -36.44 24.63
C ILE B 392 -12.36 -35.34 24.21
N CYS B 393 -12.84 -34.26 23.57
CA CYS B 393 -11.99 -33.12 23.19
C CYS B 393 -12.83 -31.86 23.25
N GLY B 394 -12.19 -30.69 23.08
CA GLY B 394 -12.81 -29.40 23.38
C GLY B 394 -13.76 -28.90 22.27
N LEU B 395 -13.66 -29.48 21.05
CA LEU B 395 -14.55 -29.10 19.97
C LEU B 395 -16.00 -29.32 20.40
N GLY B 396 -16.27 -30.48 20.98
CA GLY B 396 -17.63 -30.81 21.37
C GLY B 396 -18.07 -29.95 22.53
N ALA B 397 -17.10 -29.57 23.37
CA ALA B 397 -17.35 -28.67 24.49
C ALA B 397 -17.80 -27.28 24.05
N VAL B 398 -17.39 -26.81 22.87
CA VAL B 398 -17.59 -25.41 22.51
C VAL B 398 -18.49 -25.21 21.27
N ALA B 399 -18.86 -26.28 20.56
CA ALA B 399 -19.54 -26.10 19.28
C ALA B 399 -20.88 -25.34 19.44
N GLY B 400 -21.43 -25.32 20.66
CA GLY B 400 -22.69 -24.64 20.91
C GLY B 400 -22.53 -23.27 21.58
N ARG B 401 -21.29 -22.91 21.97
CA ARG B 401 -21.05 -21.84 22.94
C ARG B 401 -21.41 -20.47 22.36
N LEU B 402 -20.77 -20.11 21.24
CA LEU B 402 -20.98 -18.81 20.62
C LEU B 402 -22.46 -18.64 20.29
N ILE B 403 -23.04 -19.67 19.66
CA ILE B 403 -24.42 -19.60 19.20
C ILE B 403 -25.34 -19.37 20.40
N ARG B 404 -25.13 -20.13 21.48
CA ARG B 404 -25.85 -19.93 22.71
C ARG B 404 -25.73 -18.48 23.18
N GLN B 405 -24.51 -17.90 23.15
CA GLN B 405 -24.31 -16.52 23.57
C GLN B 405 -25.12 -15.56 22.68
N THR B 406 -25.22 -15.83 21.37
CA THR B 406 -25.95 -14.95 20.48
C THR B 406 -27.43 -14.98 20.85
N LEU B 407 -27.91 -16.16 21.28
CA LEU B 407 -29.30 -16.34 21.66
C LEU B 407 -29.61 -15.52 22.92
N GLU B 408 -28.67 -15.53 23.89
CA GLU B 408 -28.80 -14.79 25.13
C GLU B 408 -28.68 -13.29 24.89
N LYS B 409 -27.80 -12.85 23.99
CA LYS B 409 -27.49 -11.43 23.88
C LYS B 409 -28.23 -10.74 22.74
N PHE B 410 -28.84 -11.48 21.81
CA PHE B 410 -29.60 -10.86 20.74
C PHE B 410 -30.95 -11.55 20.58
N PRO B 411 -31.76 -11.63 21.68
CA PRO B 411 -33.01 -12.41 21.66
C PRO B 411 -34.00 -11.88 20.63
N GLU B 412 -34.02 -10.55 20.46
CA GLU B 412 -35.03 -9.89 19.65
C GLU B 412 -34.84 -10.26 18.18
N GLU B 413 -33.57 -10.37 17.74
CA GLU B 413 -33.27 -10.73 16.36
C GLU B 413 -33.67 -12.17 16.08
N TRP B 414 -33.42 -13.07 17.04
CA TRP B 414 -33.86 -14.46 16.94
C TRP B 414 -35.39 -14.55 16.99
N GLU B 415 -36.01 -13.88 17.96
CA GLU B 415 -37.47 -13.84 18.07
C GLU B 415 -38.06 -13.48 16.70
N LYS B 416 -37.51 -12.44 16.05
CA LYS B 416 -37.96 -12.10 14.70
C LYS B 416 -37.94 -13.35 13.82
N TYR B 417 -36.85 -14.11 13.84
CA TYR B 417 -36.78 -15.31 13.00
C TYR B 417 -37.87 -16.31 13.43
N ARG B 418 -38.14 -16.41 14.74
CA ARG B 418 -39.12 -17.37 15.25
C ARG B 418 -40.55 -16.98 14.86
N LYS B 419 -40.85 -15.67 14.83
CA LYS B 419 -42.13 -15.19 14.32
C LYS B 419 -42.16 -15.39 12.80
N PHE C 2 18.61 37.13 30.09
CA PHE C 2 19.36 37.82 28.99
C PHE C 2 19.45 36.88 27.79
N LYS C 3 20.31 37.22 26.81
CA LYS C 3 20.35 36.52 25.52
C LYS C 3 21.08 35.19 25.65
N THR C 4 20.80 34.28 24.70
CA THR C 4 21.40 32.94 24.69
C THR C 4 21.49 32.45 23.24
N GLU C 5 22.38 31.49 22.99
CA GLU C 5 22.52 30.91 21.66
C GLU C 5 21.26 30.13 21.32
N PHE C 6 20.64 30.49 20.18
CA PHE C 6 19.36 29.96 19.77
C PHE C 6 19.45 28.43 19.70
N GLU C 7 18.40 27.78 20.22
CA GLU C 7 18.24 26.34 20.11
C GLU C 7 16.80 26.05 19.72
N PHE C 8 16.63 25.00 18.93
CA PHE C 8 15.30 24.58 18.51
C PHE C 8 14.57 23.96 19.70
N PRO C 9 13.26 24.27 19.89
CA PRO C 9 12.43 23.55 20.85
C PRO C 9 12.36 22.07 20.47
N GLU C 10 12.09 21.20 21.45
CA GLU C 10 12.21 19.76 21.29
C GLU C 10 11.27 19.25 20.21
N GLU C 11 9.99 19.64 20.33
CA GLU C 11 8.93 19.28 19.39
C GLU C 11 9.42 19.44 17.94
N LEU C 12 10.13 20.55 17.69
CA LEU C 12 10.60 20.90 16.35
C LEU C 12 11.87 20.15 16.01
N LYS C 13 12.83 20.10 16.95
CA LYS C 13 14.11 19.43 16.73
C LYS C 13 13.86 18.00 16.24
N THR C 14 12.78 17.38 16.75
CA THR C 14 12.42 16.00 16.44
C THR C 14 11.91 15.92 15.00
N LYS C 15 10.98 16.81 14.59
CA LYS C 15 10.51 16.83 13.21
C LYS C 15 11.65 17.08 12.22
N LEU C 16 12.61 17.94 12.61
CA LEU C 16 13.77 18.29 11.81
C LEU C 16 14.67 17.08 11.59
N GLN C 17 14.88 16.29 12.66
CA GLN C 17 15.73 15.12 12.62
C GLN C 17 15.12 14.03 11.75
N GLU C 18 13.78 14.01 11.72
CA GLU C 18 12.98 13.09 10.93
C GLU C 18 13.21 13.31 9.43
N HIS C 19 13.13 14.57 9.00
CA HIS C 19 13.37 14.95 7.61
C HIS C 19 14.81 14.60 7.19
N ILE C 20 15.77 14.80 8.10
CA ILE C 20 17.17 14.55 7.82
C ILE C 20 17.45 13.05 7.68
N ASN C 21 16.72 12.24 8.46
CA ASN C 21 16.84 10.79 8.39
C ASN C 21 16.09 10.23 7.17
N TYR C 22 15.22 11.01 6.54
CA TYR C 22 14.28 10.53 5.53
C TYR C 22 14.98 10.24 4.20
N PHE C 23 15.80 11.18 3.71
CA PHE C 23 16.51 10.91 2.47
C PHE C 23 17.83 10.20 2.77
N PRO C 24 18.49 9.58 1.76
CA PRO C 24 19.79 8.94 1.96
C PRO C 24 20.91 9.88 2.40
N LYS C 25 20.83 11.15 1.98
CA LYS C 25 21.81 12.17 2.36
C LYS C 25 21.09 13.28 3.10
N LYS C 26 21.70 13.76 4.19
CA LYS C 26 21.11 14.72 5.10
C LYS C 26 20.79 16.03 4.39
N ARG C 27 21.72 16.49 3.54
CA ARG C 27 21.61 17.80 2.93
C ARG C 27 20.39 17.89 2.00
N GLN C 28 19.84 16.74 1.59
CA GLN C 28 18.69 16.68 0.69
C GLN C 28 17.41 17.11 1.42
N ALA C 29 17.49 17.26 2.76
CA ALA C 29 16.34 17.62 3.56
C ALA C 29 16.22 19.12 3.85
N ILE C 30 17.15 19.92 3.30
CA ILE C 30 17.21 21.35 3.59
C ILE C 30 15.85 22.02 3.38
N LEU C 31 15.16 21.71 2.28
CA LEU C 31 13.93 22.41 1.97
C LEU C 31 12.78 21.95 2.87
N LEU C 32 12.74 20.66 3.23
CA LEU C 32 11.69 20.19 4.12
C LEU C 32 11.90 20.80 5.51
N CYS C 33 13.16 20.93 5.93
CA CYS C 33 13.52 21.51 7.21
C CYS C 33 13.08 22.97 7.30
N LEU C 34 13.29 23.70 6.20
CA LEU C 34 12.97 25.12 6.15
C LEU C 34 11.46 25.32 6.12
N HIS C 35 10.72 24.46 5.41
CA HIS C 35 9.26 24.52 5.43
C HIS C 35 8.73 24.32 6.84
N GLU C 36 9.46 23.53 7.63
CA GLU C 36 9.06 23.12 8.97
C GLU C 36 9.29 24.28 9.93
N ILE C 37 10.50 24.88 9.83
CA ILE C 37 10.85 26.07 10.60
C ILE C 37 9.83 27.17 10.33
N GLN C 38 9.52 27.42 9.06
CA GLN C 38 8.60 28.48 8.70
C GLN C 38 7.19 28.19 9.23
N ASN C 39 6.84 26.90 9.24
CA ASN C 39 5.57 26.46 9.78
C ASN C 39 5.53 26.66 11.30
N TYR C 40 6.68 26.48 12.00
CA TYR C 40 6.69 26.56 13.46
C TYR C 40 6.70 28.01 13.94
N TYR C 41 7.48 28.90 13.29
CA TYR C 41 7.68 30.25 13.76
C TYR C 41 6.79 31.26 13.03
N GLY C 42 6.19 30.87 11.90
CA GLY C 42 5.45 31.83 11.09
C GLY C 42 6.38 32.64 10.18
N TYR C 43 7.66 32.26 10.14
CA TYR C 43 8.70 32.86 9.31
C TYR C 43 9.99 32.06 9.49
N ILE C 44 11.09 32.46 8.83
CA ILE C 44 12.38 31.84 9.07
C ILE C 44 13.21 32.80 9.92
N PRO C 45 13.43 32.52 11.22
CA PRO C 45 14.32 33.35 12.03
C PRO C 45 15.77 33.24 11.53
N PRO C 46 16.46 34.37 11.27
CA PRO C 46 17.83 34.34 10.77
C PRO C 46 18.82 33.61 11.66
N GLU C 47 18.56 33.61 12.98
CA GLU C 47 19.42 32.93 13.94
C GLU C 47 19.23 31.41 13.87
N SER C 48 18.11 30.96 13.29
CA SER C 48 17.80 29.54 13.20
C SER C 48 18.66 28.84 12.14
N LEU C 49 19.34 29.62 11.28
CA LEU C 49 20.09 29.07 10.15
C LEU C 49 21.43 28.48 10.59
N LYS C 50 22.07 29.05 11.62
CA LYS C 50 23.32 28.46 12.09
C LYS C 50 23.06 27.01 12.50
N PRO C 51 22.15 26.75 13.46
CA PRO C 51 21.96 25.39 13.97
C PRO C 51 21.34 24.40 12.99
N LEU C 52 20.62 24.90 11.96
CA LEU C 52 20.16 24.05 10.88
C LEU C 52 21.35 23.59 10.04
N ALA C 53 22.32 24.49 9.82
CA ALA C 53 23.52 24.16 9.07
C ALA C 53 24.31 23.07 9.78
N ASP C 54 24.44 23.16 11.11
CA ASP C 54 25.11 22.14 11.88
C ASP C 54 24.46 20.78 11.63
N MET C 55 23.12 20.74 11.74
CA MET C 55 22.36 19.50 11.63
C MET C 55 22.39 18.97 10.19
N LEU C 56 22.56 19.84 9.21
CA LEU C 56 22.65 19.43 7.81
C LEU C 56 24.09 19.12 7.41
N GLU C 57 25.03 19.33 8.34
CA GLU C 57 26.46 19.21 8.05
C GLU C 57 26.79 20.00 6.78
N LEU C 58 26.37 21.27 6.79
CA LEU C 58 26.51 22.15 5.65
C LEU C 58 27.08 23.48 6.15
N PRO C 59 27.77 24.25 5.31
CA PRO C 59 28.22 25.59 5.71
C PRO C 59 27.00 26.50 5.87
N LEU C 60 27.10 27.49 6.76
CA LEU C 60 26.01 28.43 6.99
C LEU C 60 25.66 29.21 5.71
N ASN C 61 26.67 29.68 4.98
CA ASN C 61 26.46 30.52 3.81
C ASN C 61 25.61 29.77 2.77
N HIS C 62 25.84 28.45 2.66
CA HIS C 62 25.07 27.58 1.77
C HIS C 62 23.58 27.67 2.13
N VAL C 63 23.29 27.51 3.42
CA VAL C 63 21.91 27.52 3.91
C VAL C 63 21.29 28.89 3.63
N GLU C 64 22.05 29.97 3.84
CA GLU C 64 21.55 31.32 3.64
C GLU C 64 21.24 31.56 2.16
N GLY C 65 22.14 31.12 1.27
CA GLY C 65 21.95 31.22 -0.17
C GLY C 65 20.64 30.55 -0.60
N VAL C 66 20.43 29.33 -0.12
CA VAL C 66 19.22 28.58 -0.39
C VAL C 66 18.01 29.35 0.12
N VAL C 67 18.08 29.89 1.35
CA VAL C 67 16.92 30.58 1.89
C VAL C 67 16.58 31.78 0.98
N ALA C 68 17.62 32.45 0.46
CA ALA C 68 17.44 33.66 -0.33
C ALA C 68 16.84 33.33 -1.69
N PHE C 69 17.22 32.16 -2.26
CA PHE C 69 16.78 31.74 -3.59
C PHE C 69 15.29 31.43 -3.62
N TYR C 70 14.77 30.70 -2.63
CA TYR C 70 13.42 30.15 -2.71
C TYR C 70 12.38 31.13 -2.16
N ASP C 71 11.39 31.47 -2.98
CA ASP C 71 10.48 32.60 -2.74
C ASP C 71 9.42 32.30 -1.67
N MET C 72 9.23 31.01 -1.32
CA MET C 72 8.19 30.70 -0.36
C MET C 72 8.65 31.10 1.04
N PHE C 73 9.97 31.14 1.26
CA PHE C 73 10.55 31.39 2.57
C PHE C 73 10.66 32.89 2.77
N ASP C 74 10.38 33.32 4.00
CA ASP C 74 10.39 34.71 4.41
C ASP C 74 11.17 34.84 5.72
N ARG C 75 12.10 35.81 5.75
CA ARG C 75 12.94 36.06 6.90
C ARG C 75 12.60 37.39 7.57
N GLU C 76 11.63 38.12 7.00
CA GLU C 76 11.30 39.46 7.46
C GLU C 76 10.12 39.43 8.42
N ASP C 77 8.99 38.85 7.98
CA ASP C 77 7.69 39.09 8.57
C ASP C 77 7.08 37.79 9.12
N LYS C 78 6.88 37.77 10.45
CA LYS C 78 6.16 36.69 11.11
C LYS C 78 4.70 36.84 10.75
N ALA C 79 4.03 35.73 10.38
CA ALA C 79 2.59 35.73 10.20
C ALA C 79 2.01 34.36 10.53
N LYS C 80 0.87 34.35 11.23
CA LYS C 80 0.19 33.12 11.54
C LYS C 80 -0.33 32.51 10.24
N TYR C 81 -0.99 33.35 9.43
CA TYR C 81 -1.61 32.88 8.20
C TYR C 81 -1.13 33.68 6.98
N ARG C 82 -0.48 32.98 6.04
N ARG C 82 -0.49 32.99 6.04
CA ARG C 82 -0.03 33.59 4.79
CA ARG C 82 -0.03 33.60 4.80
C ARG C 82 -1.11 33.43 3.72
C ARG C 82 -1.11 33.43 3.72
N ILE C 83 -1.66 34.55 3.25
CA ILE C 83 -2.66 34.56 2.20
C ILE C 83 -1.93 34.72 0.85
N ARG C 84 -1.72 33.60 0.14
CA ARG C 84 -1.02 33.62 -1.14
C ARG C 84 -2.04 33.92 -2.23
N VAL C 85 -1.84 35.08 -2.90
CA VAL C 85 -2.73 35.57 -3.94
C VAL C 85 -2.03 35.46 -5.29
N CYS C 86 -2.63 34.74 -6.23
CA CYS C 86 -2.04 34.59 -7.55
C CYS C 86 -2.19 35.88 -8.34
N VAL C 87 -1.06 36.37 -8.89
CA VAL C 87 -1.04 37.62 -9.66
C VAL C 87 -0.67 37.33 -11.13
N SER C 88 -0.69 36.06 -11.55
CA SER C 88 -0.32 35.66 -12.90
C SER C 88 -1.48 35.84 -13.88
N ILE C 89 -1.25 35.41 -15.13
CA ILE C 89 -2.07 35.79 -16.28
C ILE C 89 -3.53 35.42 -16.10
N VAL C 90 -3.86 34.18 -15.69
CA VAL C 90 -5.23 33.72 -15.75
C VAL C 90 -6.02 34.36 -14.61
N CYS C 91 -5.48 34.31 -13.40
CA CYS C 91 -6.13 34.96 -12.28
C CYS C 91 -6.28 36.45 -12.55
N HIS C 92 -5.30 37.07 -13.23
CA HIS C 92 -5.43 38.48 -13.53
C HIS C 92 -6.68 38.72 -14.38
N LEU C 93 -6.83 37.97 -15.49
CA LEU C 93 -7.96 38.11 -16.40
C LEU C 93 -9.29 37.86 -15.70
N MET C 94 -9.32 37.04 -14.64
CA MET C 94 -10.58 36.61 -14.03
C MET C 94 -10.86 37.32 -12.70
N GLY C 95 -9.99 38.23 -12.22
CA GLY C 95 -10.35 39.12 -11.12
C GLY C 95 -9.40 39.08 -9.90
N THR C 96 -8.09 38.99 -10.12
CA THR C 96 -7.15 39.13 -9.03
C THR C 96 -7.41 40.45 -8.29
N ASN C 97 -7.73 41.50 -9.06
CA ASN C 97 -7.88 42.82 -8.48
C ASN C 97 -9.09 42.90 -7.58
N LYS C 98 -10.19 42.24 -7.93
CA LYS C 98 -11.39 42.21 -7.10
C LYS C 98 -11.14 41.48 -5.79
N LEU C 99 -10.30 40.43 -5.83
CA LEU C 99 -9.92 39.65 -4.66
C LEU C 99 -9.05 40.48 -3.73
N LEU C 100 -8.10 41.24 -4.29
CA LEU C 100 -7.24 42.10 -3.49
C LEU C 100 -8.04 43.25 -2.86
N LYS C 101 -8.97 43.81 -3.64
CA LYS C 101 -9.87 44.87 -3.15
C LYS C 101 -10.64 44.35 -1.94
N ALA C 102 -11.29 43.20 -2.11
CA ALA C 102 -12.02 42.54 -1.04
C ALA C 102 -11.09 42.21 0.13
N LEU C 103 -9.84 41.79 -0.12
CA LEU C 103 -8.90 41.52 0.97
C LEU C 103 -8.59 42.81 1.72
N GLU C 104 -8.48 43.94 1.00
CA GLU C 104 -8.19 45.20 1.64
C GLU C 104 -9.39 45.66 2.49
N ASN C 105 -10.60 45.49 1.95
CA ASN C 105 -11.81 45.90 2.64
C ASN C 105 -12.01 45.12 3.95
N ILE C 106 -11.68 43.82 3.94
CA ILE C 106 -11.89 42.94 5.10
C ILE C 106 -10.77 43.09 6.13
N LEU C 107 -9.51 43.11 5.67
CA LEU C 107 -8.36 42.99 6.57
C LEU C 107 -7.66 44.34 6.76
N GLY C 108 -7.87 45.27 5.82
CA GLY C 108 -7.22 46.57 5.90
C GLY C 108 -5.74 46.53 5.50
N ILE C 109 -5.37 45.69 4.54
CA ILE C 109 -3.97 45.59 4.14
C ILE C 109 -3.86 45.27 2.65
N LYS C 110 -2.64 45.53 2.12
CA LYS C 110 -2.32 45.40 0.71
C LYS C 110 -1.26 44.33 0.58
N PRO C 111 -0.97 43.85 -0.64
CA PRO C 111 0.11 42.88 -0.87
C PRO C 111 1.46 43.27 -0.26
N GLY C 112 2.07 42.33 0.49
CA GLY C 112 3.35 42.57 1.13
C GLY C 112 3.23 43.05 2.58
N GLU C 113 2.01 43.39 3.04
CA GLU C 113 1.79 43.88 4.41
C GLU C 113 1.23 42.80 5.33
N VAL C 114 1.43 43.00 6.64
CA VAL C 114 0.90 42.17 7.71
C VAL C 114 -0.13 43.00 8.50
N THR C 115 -1.26 42.39 8.88
CA THR C 115 -2.22 43.00 9.79
C THR C 115 -1.50 43.31 11.12
N PRO C 116 -1.94 44.34 11.87
CA PRO C 116 -1.23 44.75 13.10
C PRO C 116 -1.00 43.64 14.12
N ASP C 117 -1.96 42.69 14.17
CA ASP C 117 -2.03 41.60 15.14
C ASP C 117 -1.09 40.44 14.78
N GLY C 118 -0.44 40.51 13.62
CA GLY C 118 0.48 39.47 13.17
C GLY C 118 -0.24 38.23 12.63
N LYS C 119 -1.54 38.35 12.34
CA LYS C 119 -2.38 37.21 12.01
C LYS C 119 -2.27 36.87 10.52
N PHE C 120 -2.42 37.87 9.65
CA PHE C 120 -2.51 37.63 8.21
C PHE C 120 -1.49 38.49 7.46
N LYS C 121 -0.82 37.87 6.47
CA LYS C 121 0.06 38.58 5.56
C LYS C 121 -0.30 38.20 4.13
N ILE C 122 -0.59 39.17 3.28
CA ILE C 122 -0.87 38.92 1.87
C ILE C 122 0.48 38.77 1.15
N VAL C 123 0.62 37.67 0.42
CA VAL C 123 1.84 37.33 -0.31
C VAL C 123 1.46 37.10 -1.76
N PRO C 124 1.86 37.98 -2.70
CA PRO C 124 1.54 37.79 -4.12
C PRO C 124 2.48 36.74 -4.68
N VAL C 125 1.93 35.78 -5.43
CA VAL C 125 2.69 34.63 -5.91
C VAL C 125 2.40 34.48 -7.39
N GLN C 126 3.21 33.65 -8.06
CA GLN C 126 2.94 33.31 -9.44
C GLN C 126 1.90 32.17 -9.48
N CYS C 127 1.60 31.70 -10.70
CA CYS C 127 0.57 30.72 -10.94
C CYS C 127 0.62 29.56 -9.95
N LEU C 128 -0.53 29.32 -9.29
CA LEU C 128 -0.69 28.31 -8.25
C LEU C 128 -1.18 26.97 -8.82
N GLY C 129 -1.28 26.86 -10.14
CA GLY C 129 -1.68 25.59 -10.73
C GLY C 129 -3.15 25.24 -10.44
N ALA C 130 -4.04 26.24 -10.49
CA ALA C 130 -5.47 26.04 -10.33
C ALA C 130 -6.24 27.02 -11.20
N CYS C 131 -5.74 27.26 -12.43
CA CYS C 131 -6.12 28.41 -13.23
C CYS C 131 -7.60 28.34 -13.61
N SER C 132 -8.17 27.12 -13.66
CA SER C 132 -9.59 26.93 -13.93
C SER C 132 -10.47 27.46 -12.81
N GLU C 133 -9.92 27.64 -11.60
CA GLU C 133 -10.70 28.10 -10.46
C GLU C 133 -10.27 29.50 -10.07
N ALA C 134 -9.84 30.27 -11.08
CA ALA C 134 -9.35 31.62 -10.97
C ALA C 134 -10.48 32.57 -10.62
N PRO C 135 -10.22 33.66 -9.86
CA PRO C 135 -8.95 33.88 -9.17
C PRO C 135 -8.69 33.06 -7.91
N VAL C 136 -7.44 32.58 -7.76
CA VAL C 136 -7.03 31.63 -6.74
C VAL C 136 -6.23 32.30 -5.62
N PHE C 137 -6.46 31.83 -4.40
CA PHE C 137 -5.66 32.23 -3.26
C PHE C 137 -5.44 30.99 -2.39
N MET C 138 -4.41 31.00 -1.56
CA MET C 138 -4.23 30.00 -0.53
C MET C 138 -4.23 30.68 0.86
N VAL C 139 -4.71 29.98 1.88
CA VAL C 139 -4.50 30.40 3.27
C VAL C 139 -3.68 29.31 3.92
N ASN C 140 -2.36 29.56 4.10
CA ASN C 140 -1.40 28.53 4.47
C ASN C 140 -1.54 27.40 3.45
N ASP C 141 -1.90 26.16 3.87
CA ASP C 141 -1.95 25.02 2.96
C ASP C 141 -3.29 24.90 2.22
N ASP C 142 -4.35 25.56 2.71
CA ASP C 142 -5.66 25.48 2.07
C ASP C 142 -5.72 26.39 0.84
N GLU C 143 -6.38 25.93 -0.23
CA GLU C 143 -6.47 26.68 -1.48
C GLU C 143 -7.93 26.82 -1.92
N TYR C 144 -8.29 27.99 -2.47
CA TYR C 144 -9.67 28.30 -2.81
C TYR C 144 -9.77 29.16 -4.08
N LYS C 145 -10.95 29.05 -4.73
CA LYS C 145 -11.42 30.03 -5.70
C LYS C 145 -12.05 31.22 -4.97
N PHE C 146 -11.71 32.45 -5.38
CA PHE C 146 -12.40 33.66 -4.92
C PHE C 146 -13.67 33.89 -5.76
N GLU C 147 -14.79 34.15 -5.07
CA GLU C 147 -16.10 34.30 -5.68
C GLU C 147 -16.66 35.71 -5.46
N SER C 148 -16.54 36.23 -4.22
CA SER C 148 -17.07 37.53 -3.82
C SER C 148 -16.58 37.91 -2.42
N GLU C 149 -16.85 39.16 -2.04
CA GLU C 149 -16.43 39.63 -0.74
C GLU C 149 -17.09 38.78 0.35
N VAL C 150 -18.39 38.53 0.23
CA VAL C 150 -19.16 37.87 1.28
C VAL C 150 -18.63 36.44 1.48
N GLN C 151 -18.36 35.75 0.37
CA GLN C 151 -17.86 34.40 0.38
C GLN C 151 -16.43 34.36 0.90
N LEU C 152 -15.65 35.42 0.63
CA LEU C 152 -14.26 35.51 1.10
C LEU C 152 -14.23 35.64 2.61
N ASN C 153 -15.02 36.60 3.11
CA ASN C 153 -15.12 36.87 4.54
C ASN C 153 -15.39 35.58 5.33
N GLU C 154 -16.33 34.76 4.82
CA GLU C 154 -16.71 33.49 5.43
C GLU C 154 -15.53 32.52 5.47
N ILE C 155 -14.74 32.48 4.38
CA ILE C 155 -13.57 31.62 4.35
C ILE C 155 -12.60 32.06 5.46
N LEU C 156 -12.34 33.38 5.53
CA LEU C 156 -11.34 33.91 6.44
C LEU C 156 -11.77 33.73 7.89
N SER C 157 -13.10 33.74 8.13
CA SER C 157 -13.68 33.53 9.44
C SER C 157 -13.28 32.19 10.08
N ARG C 158 -12.83 31.22 9.25
CA ARG C 158 -12.40 29.91 9.68
C ARG C 158 -10.99 29.91 10.29
N TYR C 159 -10.18 30.95 10.01
CA TYR C 159 -8.84 31.09 10.55
C TYR C 159 -8.89 32.03 11.75
N THR C 160 -8.33 31.59 12.89
CA THR C 160 -8.66 32.18 14.18
C THR C 160 -7.41 32.49 14.96
N ARG D 2 -6.99 10.54 5.98
CA ARG D 2 -7.24 11.60 7.01
C ARG D 2 -7.54 12.91 6.28
N SER D 3 -7.73 13.99 7.05
CA SER D 3 -7.96 15.31 6.49
C SER D 3 -6.71 15.81 5.77
N TYR D 4 -6.91 16.25 4.52
CA TYR D 4 -5.88 16.91 3.75
C TYR D 4 -6.27 18.38 3.61
N PRO D 5 -5.31 19.28 3.27
CA PRO D 5 -5.65 20.67 2.97
C PRO D 5 -6.74 20.76 1.91
N ALA D 6 -7.53 21.84 1.97
CA ALA D 6 -8.56 22.10 0.98
C ALA D 6 -7.98 22.33 -0.43
N ILE D 7 -8.62 21.74 -1.44
CA ILE D 7 -8.30 21.90 -2.84
C ILE D 7 -9.55 22.38 -3.57
N PRO D 8 -9.45 23.33 -4.52
CA PRO D 8 -10.57 23.60 -5.41
C PRO D 8 -10.93 22.35 -6.22
N ARG D 9 -12.23 22.17 -6.54
CA ARG D 9 -12.70 21.05 -7.33
C ARG D 9 -12.65 21.41 -8.83
N ILE D 10 -11.49 21.20 -9.42
CA ILE D 10 -11.26 21.44 -10.83
C ILE D 10 -12.11 20.45 -11.62
N TYR D 11 -12.86 20.93 -12.61
CA TYR D 11 -13.68 20.06 -13.44
C TYR D 11 -12.79 19.22 -14.37
N ALA D 12 -13.19 17.96 -14.56
CA ALA D 12 -12.47 17.02 -15.40
C ALA D 12 -13.45 16.23 -16.27
N GLU D 13 -13.00 15.85 -17.47
CA GLU D 13 -13.87 15.20 -18.45
C GLU D 13 -13.00 14.44 -19.45
N THR D 14 -13.40 13.21 -19.77
CA THR D 14 -12.62 12.35 -20.62
C THR D 14 -13.53 11.71 -21.67
N THR D 15 -13.01 11.62 -22.90
CA THR D 15 -13.62 10.83 -23.96
C THR D 15 -12.92 9.47 -24.07
N LEU D 16 -11.88 9.23 -23.27
CA LEU D 16 -11.03 8.05 -23.39
C LEU D 16 -11.06 7.20 -22.12
N ASN D 17 -11.32 7.83 -20.98
CA ASN D 17 -11.58 7.11 -19.74
C ASN D 17 -10.36 6.26 -19.34
N MET D 18 -9.17 6.90 -19.35
CA MET D 18 -7.88 6.29 -19.07
C MET D 18 -7.22 6.99 -17.87
N LEU D 19 -6.53 8.11 -18.11
CA LEU D 19 -5.85 8.85 -17.05
C LEU D 19 -6.86 9.47 -16.07
N LEU D 20 -8.03 9.84 -16.62
CA LEU D 20 -9.08 10.51 -15.86
C LEU D 20 -10.22 9.55 -15.51
N LYS D 21 -9.95 8.24 -15.49
CA LYS D 21 -10.97 7.25 -15.19
C LYS D 21 -11.49 7.42 -13.76
N ARG D 22 -10.56 7.59 -12.80
CA ARG D 22 -10.92 7.88 -11.42
C ARG D 22 -10.81 9.39 -11.19
N ALA D 23 -9.79 10.00 -11.78
CA ALA D 23 -9.47 11.38 -11.45
C ALA D 23 -10.50 12.34 -12.00
N LYS D 24 -11.46 11.87 -12.78
CA LYS D 24 -12.57 12.71 -13.20
C LYS D 24 -13.51 12.94 -12.01
N LYS D 25 -13.35 12.13 -10.96
CA LYS D 25 -14.08 12.33 -9.72
C LYS D 25 -13.18 13.09 -8.76
N PRO D 26 -13.65 14.26 -8.25
CA PRO D 26 -12.81 15.17 -7.48
C PRO D 26 -12.57 14.85 -6.02
N ARG D 27 -12.01 13.66 -5.77
CA ARG D 27 -11.67 13.22 -4.43
C ARG D 27 -10.46 12.28 -4.49
N VAL D 28 -9.93 11.90 -3.32
CA VAL D 28 -8.82 10.95 -3.26
C VAL D 28 -9.34 9.53 -3.45
N HIS D 29 -8.69 8.79 -4.38
CA HIS D 29 -8.98 7.38 -4.59
C HIS D 29 -7.82 6.60 -4.00
N SER D 30 -8.08 5.91 -2.87
CA SER D 30 -7.06 5.15 -2.14
C SER D 30 -6.87 3.79 -2.79
N ILE D 31 -6.02 2.94 -2.19
CA ILE D 31 -5.53 1.74 -2.85
C ILE D 31 -6.67 0.75 -3.11
N ASP D 32 -7.65 0.64 -2.21
CA ASP D 32 -8.69 -0.37 -2.38
C ASP D 32 -9.51 -0.07 -3.62
N GLU D 33 -9.91 1.20 -3.81
CA GLU D 33 -10.60 1.62 -5.01
C GLU D 33 -9.77 1.32 -6.24
N TYR D 34 -8.46 1.59 -6.14
CA TYR D 34 -7.51 1.46 -7.24
C TYR D 34 -7.39 -0.02 -7.62
N LEU D 35 -7.19 -0.88 -6.61
CA LEU D 35 -7.03 -2.31 -6.80
C LEU D 35 -8.28 -2.92 -7.44
N LYS D 36 -9.44 -2.37 -7.08
CA LYS D 36 -10.73 -2.85 -7.56
C LYS D 36 -10.84 -2.65 -9.07
N ASP D 37 -10.11 -1.67 -9.64
CA ASP D 37 -10.20 -1.37 -11.07
C ASP D 37 -9.05 -2.02 -11.85
N GLY D 38 -8.33 -2.97 -11.23
CA GLY D 38 -7.21 -3.63 -11.87
C GLY D 38 -5.88 -2.97 -11.53
N GLY D 39 -5.86 -2.17 -10.46
CA GLY D 39 -4.66 -1.50 -10.02
C GLY D 39 -3.54 -2.46 -9.67
N TYR D 40 -2.31 -2.07 -10.00
CA TYR D 40 -1.07 -2.79 -9.72
C TYR D 40 -0.97 -4.11 -10.48
N GLN D 41 -1.98 -4.47 -11.27
CA GLN D 41 -1.92 -5.68 -12.08
C GLN D 41 -0.90 -5.50 -13.22
N ALA D 42 -0.81 -4.29 -13.79
CA ALA D 42 0.18 -4.00 -14.80
C ALA D 42 1.59 -4.05 -14.20
N LEU D 43 1.76 -3.61 -12.95
CA LEU D 43 3.04 -3.77 -12.27
C LEU D 43 3.44 -5.24 -12.20
N GLU D 44 2.51 -6.11 -11.76
CA GLU D 44 2.78 -7.52 -11.56
C GLU D 44 3.23 -8.18 -12.86
N LYS D 45 2.59 -7.80 -13.97
CA LYS D 45 2.92 -8.27 -15.31
C LYS D 45 4.30 -7.75 -15.74
N ALA D 46 4.63 -6.50 -15.36
CA ALA D 46 5.94 -5.90 -15.65
C ALA D 46 7.06 -6.71 -14.99
N LEU D 47 6.90 -7.03 -13.70
CA LEU D 47 7.93 -7.75 -12.97
C LEU D 47 8.14 -9.17 -13.53
N ASN D 48 7.24 -9.67 -14.37
CA ASN D 48 7.47 -10.95 -15.02
C ASN D 48 8.16 -10.76 -16.37
N MET D 49 8.31 -9.51 -16.80
CA MET D 49 9.06 -9.20 -18.01
C MET D 49 10.46 -8.76 -17.62
N SER D 50 11.41 -8.89 -18.57
CA SER D 50 12.74 -8.33 -18.43
C SER D 50 12.66 -6.80 -18.49
N PRO D 51 13.63 -6.06 -17.91
CA PRO D 51 13.66 -4.60 -18.05
C PRO D 51 13.75 -4.15 -19.50
N GLU D 52 14.51 -4.90 -20.32
CA GLU D 52 14.75 -4.57 -21.72
C GLU D 52 13.42 -4.57 -22.48
N GLU D 53 12.56 -5.55 -22.20
CA GLU D 53 11.27 -5.66 -22.87
C GLU D 53 10.40 -4.44 -22.55
N ILE D 54 10.46 -3.98 -21.30
CA ILE D 54 9.62 -2.88 -20.87
C ILE D 54 10.03 -1.61 -21.64
N ILE D 55 11.35 -1.41 -21.79
CA ILE D 55 11.88 -0.27 -22.51
C ILE D 55 11.36 -0.36 -23.94
N ASP D 56 11.43 -1.56 -24.52
CA ASP D 56 11.05 -1.77 -25.90
C ASP D 56 9.56 -1.49 -26.08
N TRP D 57 8.74 -1.91 -25.11
CA TRP D 57 7.31 -1.68 -25.17
C TRP D 57 7.02 -0.18 -25.12
N VAL D 58 7.59 0.49 -24.12
CA VAL D 58 7.40 1.92 -24.01
C VAL D 58 7.92 2.60 -25.29
N ASP D 59 9.09 2.16 -25.78
CA ASP D 59 9.64 2.68 -27.02
C ASP D 59 8.62 2.54 -28.15
N LYS D 60 8.11 1.32 -28.34
CA LYS D 60 7.27 1.02 -29.50
C LYS D 60 5.92 1.71 -29.38
N SER D 61 5.54 2.13 -28.16
CA SER D 61 4.24 2.75 -27.93
C SER D 61 4.18 4.16 -28.52
N THR D 62 5.36 4.74 -28.82
CA THR D 62 5.51 6.09 -29.35
C THR D 62 5.16 7.16 -28.31
N LEU D 63 5.15 6.81 -27.00
CA LEU D 63 4.94 7.77 -25.93
C LEU D 63 6.05 8.81 -25.97
N ARG D 64 5.66 10.11 -25.93
CA ARG D 64 6.61 11.21 -25.89
C ARG D 64 6.41 12.01 -24.61
N GLY D 65 7.46 12.70 -24.17
CA GLY D 65 7.41 13.43 -22.92
C GLY D 65 6.25 14.42 -22.90
N ARG D 66 5.63 14.62 -21.73
CA ARG D 66 4.48 15.52 -21.59
C ARG D 66 4.88 16.78 -20.85
N GLY D 67 6.20 17.01 -20.67
CA GLY D 67 6.71 18.15 -19.92
C GLY D 67 6.99 19.37 -20.79
N GLY D 68 7.03 19.19 -22.13
CA GLY D 68 7.21 20.32 -23.05
C GLY D 68 8.22 20.05 -24.16
N ALA D 69 9.24 19.21 -23.88
CA ALA D 69 10.28 18.94 -24.86
C ALA D 69 9.87 17.82 -25.82
N GLY D 70 8.95 16.94 -25.37
CA GLY D 70 8.36 15.88 -26.19
C GLY D 70 9.39 14.85 -26.65
N PHE D 71 10.35 14.51 -25.78
CA PHE D 71 11.40 13.56 -26.14
C PHE D 71 10.85 12.14 -25.96
N PRO D 72 11.02 11.25 -26.95
CA PRO D 72 10.56 9.86 -26.83
C PRO D 72 10.98 9.20 -25.52
N THR D 73 10.01 8.68 -24.75
CA THR D 73 10.27 8.21 -23.39
C THR D 73 11.12 6.94 -23.43
N GLY D 74 10.74 5.99 -24.28
CA GLY D 74 11.51 4.76 -24.43
C GLY D 74 12.98 5.00 -24.74
N LYS D 75 13.24 5.96 -25.64
CA LYS D 75 14.60 6.24 -26.10
C LYS D 75 15.40 6.92 -24.99
N LYS D 76 14.73 7.78 -24.20
CA LYS D 76 15.37 8.35 -23.04
C LYS D 76 15.87 7.24 -22.12
N TRP D 77 15.06 6.19 -21.94
CA TRP D 77 15.38 5.10 -21.02
C TRP D 77 16.57 4.33 -21.55
N LYS D 78 16.54 3.98 -22.84
CA LYS D 78 17.67 3.39 -23.55
C LYS D 78 18.98 4.18 -23.35
N PHE D 79 18.93 5.51 -23.42
CA PHE D 79 20.15 6.30 -23.25
C PHE D 79 20.66 6.11 -21.82
N ALA D 80 19.75 6.17 -20.84
CA ALA D 80 20.15 6.04 -19.45
C ALA D 80 20.78 4.68 -19.21
N VAL D 81 20.21 3.60 -19.76
CA VAL D 81 20.67 2.27 -19.37
C VAL D 81 21.94 1.89 -20.15
N GLN D 82 22.42 2.74 -21.05
CA GLN D 82 23.68 2.44 -21.73
C GLN D 82 24.85 2.87 -20.84
N ASN D 83 24.56 3.56 -19.72
CA ASN D 83 25.57 4.02 -18.77
C ASN D 83 25.55 3.19 -17.49
N PRO D 84 26.71 2.84 -16.90
CA PRO D 84 26.73 2.03 -15.67
C PRO D 84 25.94 2.65 -14.53
N GLY D 85 25.32 1.78 -13.70
CA GLY D 85 24.56 2.21 -12.53
C GLY D 85 25.48 2.53 -11.36
N PRO D 86 24.96 2.96 -10.19
CA PRO D 86 23.51 3.04 -9.96
C PRO D 86 22.82 4.10 -10.80
N ARG D 87 21.54 3.86 -11.10
CA ARG D 87 20.70 4.78 -11.85
C ARG D 87 19.59 5.31 -10.94
N TYR D 88 19.06 6.50 -11.26
CA TYR D 88 18.03 7.12 -10.47
C TYR D 88 16.85 7.50 -11.37
N PHE D 89 15.64 7.51 -10.79
CA PHE D 89 14.44 7.91 -11.50
C PHE D 89 13.73 9.06 -10.75
N ILE D 90 13.31 10.08 -11.50
CA ILE D 90 12.65 11.25 -10.94
C ILE D 90 11.37 11.53 -11.69
N CYS D 91 10.26 11.58 -10.94
CA CYS D 91 9.01 12.09 -11.43
C CYS D 91 8.95 13.59 -11.16
N ASN D 92 8.75 14.40 -12.21
CA ASN D 92 8.78 15.83 -12.09
C ASN D 92 7.36 16.32 -11.82
N ALA D 93 7.12 16.85 -10.61
CA ALA D 93 5.81 17.34 -10.23
C ALA D 93 5.88 18.80 -9.81
N ASP D 94 6.61 19.61 -10.59
CA ASP D 94 6.83 21.00 -10.24
C ASP D 94 5.77 21.90 -10.88
N GLU D 95 5.08 21.38 -11.91
CA GLU D 95 4.00 22.09 -12.59
C GLU D 95 3.76 23.50 -12.04
N SER D 96 4.49 24.49 -12.59
CA SER D 96 4.39 25.87 -12.14
C SER D 96 4.25 26.84 -13.31
N GLU D 97 4.02 26.33 -14.52
CA GLU D 97 3.83 27.21 -15.66
C GLU D 97 2.40 27.73 -15.69
N PRO D 98 2.19 29.06 -15.89
CA PRO D 98 0.86 29.66 -15.93
C PRO D 98 -0.11 28.93 -16.85
N GLY D 99 -1.27 28.57 -16.28
CA GLY D 99 -2.30 27.90 -17.06
C GLY D 99 -2.26 26.39 -16.89
N THR D 100 -1.21 25.83 -16.29
CA THR D 100 -0.99 24.39 -16.31
C THR D 100 -1.36 23.80 -14.95
N PHE D 101 -2.39 22.93 -14.95
CA PHE D 101 -2.91 22.32 -13.72
C PHE D 101 -3.32 20.87 -13.96
N LYS D 102 -2.64 20.21 -14.91
CA LYS D 102 -3.05 18.90 -15.39
C LYS D 102 -2.46 17.82 -14.48
N ASP D 103 -1.20 17.96 -14.10
CA ASP D 103 -0.49 16.94 -13.34
C ASP D 103 -1.09 16.77 -11.96
N ARG D 104 -1.61 17.87 -11.38
CA ARG D 104 -2.01 17.86 -9.99
C ARG D 104 -3.24 16.97 -9.79
N ILE D 105 -4.14 16.90 -10.79
CA ILE D 105 -5.37 16.18 -10.56
C ILE D 105 -5.11 14.68 -10.58
N ILE D 106 -4.03 14.22 -11.22
CA ILE D 106 -3.63 12.83 -11.12
C ILE D 106 -3.02 12.56 -9.75
N ILE D 107 -2.22 13.50 -9.26
CA ILE D 107 -1.57 13.34 -7.96
C ILE D 107 -2.60 13.33 -6.84
N GLU D 108 -3.54 14.28 -6.85
CA GLU D 108 -4.47 14.49 -5.75
C GLU D 108 -5.65 13.52 -5.79
N ARG D 109 -5.97 12.96 -6.97
CA ARG D 109 -7.18 12.14 -7.10
C ARG D 109 -6.88 10.66 -7.35
N ASP D 110 -5.80 10.35 -8.08
CA ASP D 110 -5.45 8.97 -8.42
C ASP D 110 -3.96 8.75 -8.19
N PRO D 111 -3.42 9.00 -6.97
CA PRO D 111 -1.98 8.90 -6.73
C PRO D 111 -1.38 7.57 -7.20
N HIS D 112 -2.12 6.47 -7.05
CA HIS D 112 -1.59 5.15 -7.32
C HIS D 112 -1.31 4.97 -8.83
N LEU D 113 -2.04 5.69 -9.70
CA LEU D 113 -1.76 5.65 -11.13
C LEU D 113 -0.31 6.12 -11.38
N LEU D 114 0.10 7.14 -10.62
CA LEU D 114 1.44 7.69 -10.74
C LEU D 114 2.46 6.74 -10.10
N ILE D 115 2.18 6.26 -8.89
CA ILE D 115 3.13 5.42 -8.17
C ILE D 115 3.37 4.13 -8.96
N GLU D 116 2.30 3.54 -9.51
CA GLU D 116 2.44 2.32 -10.29
C GLU D 116 3.36 2.58 -11.49
N GLY D 117 3.13 3.70 -12.19
CA GLY D 117 4.01 4.18 -13.26
C GLY D 117 5.47 4.32 -12.83
N ILE D 118 5.73 4.87 -11.63
CA ILE D 118 7.08 5.11 -11.15
C ILE D 118 7.80 3.77 -10.97
N ILE D 119 7.10 2.75 -10.47
CA ILE D 119 7.72 1.49 -10.09
C ILE D 119 8.14 0.71 -11.34
N ILE D 120 7.22 0.62 -12.31
CA ILE D 120 7.52 0.01 -13.60
C ILE D 120 8.72 0.71 -14.25
N SER D 121 8.69 2.05 -14.31
CA SER D 121 9.75 2.82 -14.94
C SER D 121 11.07 2.59 -14.21
N SER D 122 11.05 2.63 -12.87
CA SER D 122 12.26 2.39 -12.10
C SER D 122 12.80 0.99 -12.40
N TYR D 123 11.92 0.00 -12.42
CA TYR D 123 12.31 -1.36 -12.72
C TYR D 123 12.92 -1.43 -14.12
N ALA D 124 12.31 -0.70 -15.07
CA ALA D 124 12.76 -0.70 -16.45
C ALA D 124 14.21 -0.22 -16.59
N ILE D 125 14.63 0.77 -15.80
CA ILE D 125 15.97 1.34 -15.95
C ILE D 125 16.95 0.78 -14.92
N GLY D 126 16.47 -0.08 -14.01
CA GLY D 126 17.31 -0.65 -12.98
C GLY D 126 17.60 0.32 -11.82
N ALA D 127 16.67 1.25 -11.55
CA ALA D 127 16.81 2.21 -10.47
C ALA D 127 16.12 1.69 -9.20
N ASN D 128 16.84 1.72 -8.06
CA ASN D 128 16.33 1.20 -6.81
C ASN D 128 15.99 2.34 -5.84
N GLU D 129 16.09 3.57 -6.35
CA GLU D 129 15.79 4.77 -5.59
C GLU D 129 15.15 5.74 -6.57
N ALA D 130 13.88 6.11 -6.31
CA ALA D 130 13.18 7.11 -7.11
C ALA D 130 12.73 8.26 -6.23
N TYR D 131 12.51 9.44 -6.85
CA TYR D 131 12.05 10.64 -6.17
C TYR D 131 10.84 11.18 -6.90
N ILE D 132 9.92 11.81 -6.15
CA ILE D 132 8.94 12.74 -6.67
C ILE D 132 9.30 14.12 -6.14
N TYR D 133 9.54 15.07 -7.06
CA TYR D 133 9.82 16.44 -6.70
C TYR D 133 8.55 17.22 -6.96
N ILE D 134 7.84 17.63 -5.91
CA ILE D 134 6.55 18.27 -6.09
C ILE D 134 6.65 19.70 -5.59
N ARG D 135 6.08 20.64 -6.36
CA ARG D 135 6.25 22.04 -6.03
C ARG D 135 5.68 22.25 -4.63
N GLY D 136 6.27 23.18 -3.89
CA GLY D 136 5.89 23.44 -2.51
C GLY D 136 4.49 24.04 -2.38
N GLU D 137 3.95 24.58 -3.48
CA GLU D 137 2.62 25.20 -3.46
C GLU D 137 1.52 24.15 -3.67
N TYR D 138 1.90 22.86 -3.73
CA TYR D 138 0.95 21.76 -3.73
C TYR D 138 1.11 20.97 -2.44
N PRO D 139 0.79 21.54 -1.26
CA PRO D 139 0.92 20.79 -0.01
C PRO D 139 0.02 19.54 0.04
N ALA D 140 -1.23 19.65 -0.40
CA ALA D 140 -2.15 18.52 -0.33
C ALA D 140 -1.58 17.35 -1.11
N GLY D 141 -1.20 17.61 -2.36
CA GLY D 141 -0.58 16.60 -3.22
C GLY D 141 0.55 15.87 -2.50
N TYR D 142 1.37 16.64 -1.76
CA TYR D 142 2.50 16.09 -1.04
C TYR D 142 2.03 15.05 -0.03
N TYR D 143 1.05 15.43 0.81
CA TYR D 143 0.56 14.56 1.87
C TYR D 143 -0.18 13.36 1.29
N ILE D 144 -0.91 13.58 0.17
CA ILE D 144 -1.60 12.49 -0.51
C ILE D 144 -0.58 11.49 -1.05
N LEU D 145 0.55 11.97 -1.59
CA LEU D 145 1.55 11.05 -2.11
C LEU D 145 2.22 10.29 -0.96
N ARG D 146 2.45 10.94 0.17
CA ARG D 146 3.13 10.28 1.28
C ARG D 146 2.29 9.11 1.81
N ASP D 147 1.00 9.40 2.05
CA ASP D 147 0.03 8.41 2.51
C ASP D 147 -0.07 7.30 1.47
N ALA D 148 -0.19 7.65 0.18
CA ALA D 148 -0.34 6.67 -0.87
C ALA D 148 0.89 5.77 -0.98
N ILE D 149 2.09 6.31 -0.71
CA ILE D 149 3.29 5.50 -0.76
C ILE D 149 3.29 4.47 0.38
N GLU D 150 2.81 4.85 1.57
CA GLU D 150 2.65 3.93 2.68
C GLU D 150 1.69 2.78 2.31
N GLU D 151 0.56 3.10 1.68
CA GLU D 151 -0.40 2.10 1.24
C GLU D 151 0.29 1.09 0.33
N ALA D 152 1.17 1.57 -0.55
CA ALA D 152 1.84 0.71 -1.51
C ALA D 152 2.79 -0.25 -0.78
N LYS D 153 3.46 0.24 0.27
CA LYS D 153 4.33 -0.61 1.07
C LYS D 153 3.51 -1.70 1.75
N LYS D 154 2.39 -1.32 2.37
CA LYS D 154 1.50 -2.26 3.03
C LYS D 154 1.15 -3.44 2.12
N LYS D 155 0.86 -3.15 0.85
CA LYS D 155 0.47 -4.18 -0.11
C LYS D 155 1.68 -4.74 -0.84
N GLY D 156 2.90 -4.40 -0.40
CA GLY D 156 4.14 -4.93 -0.95
C GLY D 156 4.41 -4.54 -2.41
N PHE D 157 4.05 -3.32 -2.81
CA PHE D 157 4.36 -2.84 -4.15
C PHE D 157 5.67 -2.05 -4.14
N LEU D 158 6.15 -1.71 -2.95
CA LEU D 158 7.41 -1.04 -2.72
C LEU D 158 8.17 -1.76 -1.62
N GLY D 159 9.46 -1.47 -1.51
CA GLY D 159 10.33 -2.03 -0.49
C GLY D 159 11.31 -2.99 -1.16
N LYS D 160 11.79 -3.98 -0.39
CA LYS D 160 12.75 -4.93 -0.91
C LYS D 160 12.02 -6.14 -1.50
N ASN D 161 12.63 -6.72 -2.54
CA ASN D 161 12.20 -7.97 -3.13
C ASN D 161 10.70 -7.90 -3.43
N ILE D 162 10.28 -6.84 -4.13
CA ILE D 162 8.89 -6.57 -4.44
C ILE D 162 8.28 -7.76 -5.18
N LEU D 163 7.30 -8.43 -4.53
CA LEU D 163 6.51 -9.51 -5.12
C LEU D 163 7.40 -10.65 -5.60
N GLY D 164 8.49 -10.91 -4.87
CA GLY D 164 9.33 -12.07 -5.14
C GLY D 164 10.26 -11.85 -6.33
N SER D 165 10.23 -10.63 -6.89
CA SER D 165 10.91 -10.31 -8.14
C SER D 165 12.42 -10.12 -7.93
N GLY D 166 12.83 -9.78 -6.70
CA GLY D 166 14.21 -9.39 -6.44
C GLY D 166 14.46 -7.89 -6.68
N PHE D 167 13.47 -7.14 -7.20
CA PHE D 167 13.66 -5.73 -7.47
C PHE D 167 13.36 -4.94 -6.19
N ASP D 168 14.32 -4.09 -5.77
CA ASP D 168 14.17 -3.22 -4.60
C ASP D 168 13.83 -1.79 -5.03
N LEU D 169 12.93 -1.12 -4.31
CA LEU D 169 12.65 0.28 -4.62
C LEU D 169 12.11 1.04 -3.39
N GLU D 170 12.57 2.30 -3.26
CA GLU D 170 12.04 3.28 -2.33
C GLU D 170 11.78 4.60 -3.07
N ILE D 171 10.55 5.12 -2.99
CA ILE D 171 10.17 6.42 -3.52
C ILE D 171 10.21 7.44 -2.37
N TYR D 172 11.05 8.49 -2.56
CA TYR D 172 11.15 9.64 -1.67
C TYR D 172 10.41 10.81 -2.30
N VAL D 173 9.71 11.60 -1.46
CA VAL D 173 8.97 12.79 -1.88
C VAL D 173 9.68 14.04 -1.35
N ALA D 174 10.12 14.88 -2.28
CA ALA D 174 10.77 16.15 -1.98
C ALA D 174 9.81 17.28 -2.34
N ARG D 175 9.96 18.42 -1.66
CA ARG D 175 9.08 19.55 -1.91
C ARG D 175 9.92 20.70 -2.45
N GLY D 176 9.35 21.46 -3.41
CA GLY D 176 9.92 22.71 -3.92
C GLY D 176 9.69 23.84 -2.93
N ALA D 177 10.07 25.07 -3.29
CA ALA D 177 9.88 26.18 -2.37
C ALA D 177 9.78 27.52 -3.08
N GLY D 178 9.24 27.56 -4.30
CA GLY D 178 8.88 28.83 -4.91
C GLY D 178 9.44 29.07 -6.30
N ALA D 179 10.28 28.15 -6.80
CA ALA D 179 11.03 28.41 -8.01
C ALA D 179 10.50 27.57 -9.17
N TYR D 180 9.92 28.24 -10.17
CA TYR D 180 9.55 27.62 -11.45
C TYR D 180 10.76 26.98 -12.11
N ILE D 181 11.95 27.56 -11.91
CA ILE D 181 13.13 27.06 -12.61
C ILE D 181 13.45 25.63 -12.15
N CYS D 182 12.96 25.23 -10.97
CA CYS D 182 13.23 23.90 -10.45
C CYS D 182 12.47 22.82 -11.20
N GLY D 183 11.60 23.20 -12.14
CA GLY D 183 10.99 22.25 -13.05
C GLY D 183 11.93 21.85 -14.20
N GLU D 184 12.93 22.69 -14.47
CA GLU D 184 13.96 22.37 -15.45
C GLU D 184 14.77 21.24 -14.83
N GLU D 185 15.04 20.20 -15.61
CA GLU D 185 15.47 18.92 -15.06
C GLU D 185 16.81 19.01 -14.35
N THR D 186 17.78 19.75 -14.89
CA THR D 186 19.05 19.91 -14.20
C THR D 186 18.88 20.78 -12.94
N ALA D 187 18.06 21.84 -12.97
CA ALA D 187 17.85 22.61 -11.75
C ALA D 187 17.08 21.80 -10.71
N LEU D 188 16.12 20.99 -11.17
CA LEU D 188 15.44 20.04 -10.31
C LEU D 188 16.49 19.23 -9.54
N ILE D 189 17.40 18.60 -10.28
CA ILE D 189 18.39 17.73 -9.68
C ILE D 189 19.25 18.51 -8.68
N GLU D 190 19.63 19.74 -9.02
CA GLU D 190 20.41 20.57 -8.12
C GLU D 190 19.65 20.79 -6.82
N SER D 191 18.32 20.96 -6.91
CA SER D 191 17.51 21.22 -5.73
C SER D 191 17.46 19.98 -4.82
N LEU D 192 17.42 18.80 -5.46
CA LEU D 192 17.39 17.52 -4.75
C LEU D 192 18.72 17.22 -4.08
N GLU D 193 19.81 17.85 -4.52
CA GLU D 193 21.11 17.68 -3.88
C GLU D 193 21.28 18.70 -2.74
N GLY D 194 20.21 19.43 -2.40
CA GLY D 194 20.22 20.35 -1.30
C GLY D 194 20.70 21.75 -1.68
N LYS D 195 20.64 22.08 -2.97
CA LYS D 195 21.23 23.34 -3.43
C LYS D 195 20.16 24.22 -4.08
N ARG D 196 20.58 25.43 -4.47
CA ARG D 196 19.73 26.34 -5.23
C ARG D 196 19.45 25.74 -6.60
N GLY D 197 18.29 26.06 -7.17
CA GLY D 197 17.91 25.50 -8.45
C GLY D 197 18.57 26.26 -9.59
N HIS D 198 19.87 26.02 -9.79
CA HIS D 198 20.58 26.61 -10.90
C HIS D 198 20.70 25.57 -12.01
N PRO D 199 20.08 25.76 -13.18
CA PRO D 199 20.31 24.86 -14.30
C PRO D 199 21.79 24.60 -14.62
N ARG D 200 22.08 23.38 -15.07
CA ARG D 200 23.44 22.98 -15.41
C ARG D 200 23.64 23.11 -16.91
N LEU D 201 24.89 23.36 -17.30
CA LEU D 201 25.28 23.35 -18.70
C LEU D 201 25.17 21.92 -19.22
N LYS D 202 24.48 21.76 -20.35
CA LYS D 202 24.37 20.47 -21.00
C LYS D 202 24.95 20.62 -22.40
N PRO D 203 25.55 19.58 -23.00
CA PRO D 203 25.92 18.35 -22.29
C PRO D 203 26.88 18.63 -21.14
N PRO D 204 27.01 17.72 -20.15
CA PRO D 204 26.32 16.43 -20.17
C PRO D 204 24.84 16.44 -19.79
N TYR D 205 24.09 15.49 -20.34
CA TYR D 205 22.66 15.38 -20.08
C TYR D 205 22.43 14.45 -18.88
N PRO D 206 21.36 14.69 -18.09
CA PRO D 206 21.06 13.86 -16.90
C PRO D 206 21.12 12.34 -17.04
N VAL D 207 20.67 11.78 -18.19
CA VAL D 207 20.72 10.35 -18.45
C VAL D 207 22.14 9.76 -18.33
N GLN D 208 23.19 10.56 -18.52
CA GLN D 208 24.55 10.08 -18.32
C GLN D 208 25.07 10.58 -16.97
N LYS D 209 24.79 11.85 -16.64
CA LYS D 209 25.24 12.43 -15.38
C LYS D 209 24.17 13.34 -14.82
N GLY D 210 23.52 12.92 -13.73
CA GLY D 210 22.47 13.68 -13.07
C GLY D 210 22.69 13.68 -11.55
N LEU D 211 21.77 13.03 -10.81
CA LEU D 211 21.79 13.06 -9.36
C LEU D 211 23.05 12.35 -8.90
N TRP D 212 23.91 13.08 -8.16
CA TRP D 212 25.18 12.57 -7.67
C TRP D 212 26.08 12.11 -8.82
N GLY D 213 25.83 12.62 -10.04
CA GLY D 213 26.67 12.34 -11.19
C GLY D 213 26.34 11.00 -11.85
N LYS D 214 25.25 10.35 -11.44
CA LYS D 214 24.89 9.04 -11.94
C LYS D 214 23.76 9.19 -12.96
N PRO D 215 23.55 8.21 -13.88
CA PRO D 215 22.44 8.25 -14.84
C PRO D 215 21.09 8.48 -14.16
N THR D 216 20.34 9.46 -14.68
CA THR D 216 19.08 9.89 -14.11
C THR D 216 18.04 10.11 -15.21
N VAL D 217 16.89 9.41 -15.10
CA VAL D 217 15.72 9.67 -15.93
C VAL D 217 14.78 10.57 -15.14
N VAL D 218 14.57 11.79 -15.64
CA VAL D 218 13.49 12.63 -15.16
C VAL D 218 12.34 12.48 -16.15
N ASN D 219 11.13 12.20 -15.64
CA ASN D 219 9.95 12.16 -16.48
C ASN D 219 8.83 12.93 -15.79
N ASN D 220 7.96 13.55 -16.62
CA ASN D 220 6.81 14.30 -16.16
C ASN D 220 5.74 13.36 -15.61
N VAL D 221 4.94 13.85 -14.64
CA VAL D 221 3.81 13.12 -14.07
C VAL D 221 2.94 12.46 -15.15
N GLU D 222 2.44 13.26 -16.10
CA GLU D 222 1.51 12.77 -17.11
C GLU D 222 2.18 11.66 -17.93
N THR D 223 3.46 11.85 -18.27
CA THR D 223 4.21 10.84 -19.01
C THR D 223 4.17 9.50 -18.27
N ILE D 224 4.44 9.54 -16.95
CA ILE D 224 4.55 8.34 -16.13
C ILE D 224 3.18 7.67 -15.99
N ALA D 225 2.12 8.50 -15.87
CA ALA D 225 0.75 8.03 -15.77
C ALA D 225 0.29 7.20 -16.97
N ASN D 226 1.03 7.25 -18.08
CA ASN D 226 0.69 6.47 -19.26
C ASN D 226 1.26 5.05 -19.17
N VAL D 227 2.23 4.80 -18.28
CA VAL D 227 3.04 3.59 -18.34
C VAL D 227 2.19 2.37 -17.98
N ARG D 228 1.29 2.54 -16.99
CA ARG D 228 0.36 1.48 -16.63
C ARG D 228 -0.33 0.92 -17.88
N PHE D 229 -0.80 1.82 -18.74
CA PHE D 229 -1.68 1.47 -19.85
C PHE D 229 -0.91 0.80 -20.98
N ILE D 230 0.34 1.22 -21.22
CA ILE D 230 1.23 0.62 -22.21
C ILE D 230 1.45 -0.87 -21.93
N ILE D 231 1.76 -1.19 -20.66
CA ILE D 231 2.00 -2.56 -20.22
C ILE D 231 0.70 -3.37 -20.24
N SER D 232 -0.35 -2.81 -19.64
CA SER D 232 -1.64 -3.45 -19.50
C SER D 232 -2.26 -3.82 -20.84
N MET D 233 -2.31 -2.85 -21.77
CA MET D 233 -2.93 -3.04 -23.08
C MET D 233 -1.92 -3.67 -24.06
N GLY D 234 -0.63 -3.56 -23.78
CA GLY D 234 0.40 -3.86 -24.77
C GLY D 234 0.70 -2.63 -25.62
N TRP D 235 1.95 -2.49 -26.07
CA TRP D 235 2.36 -1.34 -26.87
C TRP D 235 1.54 -1.21 -28.16
N GLU D 236 1.08 -2.34 -28.74
CA GLU D 236 0.37 -2.33 -30.01
C GLU D 236 -0.99 -1.66 -29.82
N GLU D 237 -1.77 -2.09 -28.81
CA GLU D 237 -3.11 -1.57 -28.59
C GLU D 237 -3.06 -0.09 -28.21
N TYR D 238 -2.05 0.31 -27.43
CA TYR D 238 -1.88 1.69 -27.01
C TYR D 238 -1.75 2.59 -28.24
N ARG D 239 -0.87 2.21 -29.17
CA ARG D 239 -0.55 2.99 -30.36
C ARG D 239 -1.78 3.15 -31.25
N TYR D 240 -2.82 2.32 -31.07
CA TYR D 240 -4.05 2.44 -31.85
C TYR D 240 -4.96 3.56 -31.31
N ILE D 241 -4.60 4.19 -30.18
CA ILE D 241 -5.40 5.29 -29.65
C ILE D 241 -5.03 6.60 -30.33
N GLY D 242 -6.03 7.33 -30.83
CA GLY D 242 -5.82 8.61 -31.47
C GLY D 242 -5.08 8.46 -32.82
N PRO D 243 -4.53 9.57 -33.37
CA PRO D 243 -3.74 9.49 -34.61
C PRO D 243 -2.49 8.63 -34.40
N SER D 244 -2.13 7.83 -35.42
CA SER D 244 -1.09 6.82 -35.29
C SER D 244 0.29 7.46 -35.13
N ASP D 245 0.40 8.75 -35.49
CA ASP D 245 1.65 9.49 -35.42
C ASP D 245 1.74 10.30 -34.12
N TYR D 246 0.60 10.55 -33.45
CA TYR D 246 0.59 11.20 -32.14
C TYR D 246 -0.40 10.45 -31.25
N ALA D 247 0.02 9.24 -30.85
CA ALA D 247 -0.82 8.26 -30.21
C ALA D 247 -0.91 8.51 -28.70
N GLY D 248 -2.01 8.01 -28.10
CA GLY D 248 -2.18 7.97 -26.65
C GLY D 248 -3.13 9.05 -26.15
N PRO D 249 -3.61 8.95 -24.89
CA PRO D 249 -4.41 10.00 -24.27
C PRO D 249 -3.56 11.24 -24.01
N LYS D 250 -4.19 12.41 -24.03
CA LYS D 250 -3.49 13.63 -23.65
C LYS D 250 -4.41 14.44 -22.73
N LEU D 251 -3.84 15.06 -21.68
CA LEU D 251 -4.59 15.97 -20.82
C LEU D 251 -4.38 17.41 -21.29
N PHE D 252 -5.47 18.18 -21.35
CA PHE D 252 -5.45 19.56 -21.81
C PHE D 252 -6.05 20.45 -20.74
N PRO D 253 -5.24 21.21 -19.98
CA PRO D 253 -5.76 22.20 -19.04
C PRO D 253 -6.34 23.44 -19.72
N VAL D 254 -7.66 23.66 -19.55
CA VAL D 254 -8.32 24.76 -20.22
C VAL D 254 -8.75 25.79 -19.18
N SER D 255 -8.36 27.07 -19.36
CA SER D 255 -8.65 28.16 -18.44
C SER D 255 -8.94 29.45 -19.19
N GLY D 256 -9.42 30.48 -18.46
CA GLY D 256 -9.75 31.78 -19.01
C GLY D 256 -11.22 31.87 -19.40
N LYS D 257 -11.51 32.49 -20.56
CA LYS D 257 -12.86 32.89 -20.94
C LYS D 257 -13.67 31.77 -21.62
N VAL D 258 -13.81 30.63 -20.94
CA VAL D 258 -14.61 29.51 -21.43
C VAL D 258 -15.69 29.21 -20.39
N LYS D 259 -16.79 28.59 -20.82
CA LYS D 259 -17.88 28.25 -19.91
C LYS D 259 -17.43 27.16 -18.95
N LYS D 260 -16.71 26.15 -19.44
CA LYS D 260 -16.38 24.97 -18.65
C LYS D 260 -14.87 24.82 -18.49
N PRO D 261 -14.20 25.69 -17.72
CA PRO D 261 -12.76 25.53 -17.48
C PRO D 261 -12.49 24.24 -16.71
N GLY D 262 -11.38 23.56 -17.04
CA GLY D 262 -10.95 22.35 -16.37
C GLY D 262 -9.99 21.53 -17.21
N VAL D 263 -9.71 20.28 -16.81
CA VAL D 263 -8.85 19.37 -17.54
C VAL D 263 -9.71 18.43 -18.40
N TYR D 264 -9.29 18.23 -19.65
CA TYR D 264 -9.97 17.37 -20.61
C TYR D 264 -8.97 16.32 -21.07
N GLU D 265 -9.34 15.04 -20.98
CA GLU D 265 -8.53 14.01 -21.59
C GLU D 265 -9.10 13.74 -22.98
N LEU D 266 -8.29 13.97 -24.01
CA LEU D 266 -8.76 13.92 -25.39
C LEU D 266 -7.67 13.29 -26.26
N PRO D 267 -8.00 12.70 -27.43
CA PRO D 267 -6.97 12.36 -28.41
C PRO D 267 -6.33 13.59 -29.05
N MET D 268 -5.12 13.43 -29.58
CA MET D 268 -4.34 14.58 -30.02
C MET D 268 -4.65 14.97 -31.46
N ASN D 269 -5.61 14.30 -32.12
CA ASN D 269 -6.17 14.79 -33.37
C ASN D 269 -7.35 15.74 -33.15
N THR D 270 -7.71 16.01 -31.89
CA THR D 270 -8.64 17.06 -31.54
C THR D 270 -8.02 18.42 -31.91
N THR D 271 -8.82 19.30 -32.55
CA THR D 271 -8.36 20.65 -32.87
C THR D 271 -8.58 21.58 -31.69
N LEU D 272 -7.88 22.72 -31.72
CA LEU D 272 -7.99 23.75 -30.69
C LEU D 272 -9.41 24.30 -30.67
N ARG D 273 -9.99 24.53 -31.85
CA ARG D 273 -11.37 24.97 -31.97
C ARG D 273 -12.28 24.01 -31.20
N GLU D 274 -12.01 22.71 -31.30
CA GLU D 274 -12.85 21.72 -30.65
C GLU D 274 -12.71 21.82 -29.13
N VAL D 275 -11.48 21.92 -28.62
CA VAL D 275 -11.26 21.98 -27.18
C VAL D 275 -12.16 23.05 -26.57
N ILE D 276 -12.16 24.24 -27.18
CA ILE D 276 -12.85 25.42 -26.69
C ILE D 276 -14.36 25.31 -26.85
N PHE D 277 -14.81 24.94 -28.06
CA PHE D 277 -16.20 25.06 -28.45
C PHE D 277 -17.00 23.76 -28.31
N LYS D 278 -16.36 22.60 -28.52
CA LYS D 278 -17.06 21.32 -28.40
C LYS D 278 -16.96 20.76 -26.98
N TYR D 279 -15.83 20.96 -26.29
CA TYR D 279 -15.65 20.36 -24.99
C TYR D 279 -15.80 21.40 -23.87
N ALA D 280 -15.15 22.56 -24.00
CA ALA D 280 -15.06 23.52 -22.89
C ALA D 280 -16.30 24.41 -22.85
N GLY D 281 -17.30 24.16 -23.70
CA GLY D 281 -18.58 24.85 -23.63
C GLY D 281 -18.63 26.17 -24.42
N GLY D 282 -17.64 26.48 -25.25
CA GLY D 282 -17.58 27.79 -25.88
C GLY D 282 -17.07 28.85 -24.91
N THR D 283 -17.24 30.13 -25.27
CA THR D 283 -16.71 31.23 -24.48
C THR D 283 -17.78 31.84 -23.59
N LEU D 284 -17.32 32.53 -22.52
CA LEU D 284 -18.20 33.32 -21.66
C LEU D 284 -18.84 34.42 -22.49
N GLY D 285 -20.18 34.53 -22.38
CA GLY D 285 -20.98 35.54 -23.05
C GLY D 285 -21.05 35.35 -24.56
N ASN D 286 -20.55 34.20 -25.06
CA ASN D 286 -20.43 33.91 -26.48
C ASN D 286 -19.60 34.98 -27.19
N LYS D 287 -18.64 35.57 -26.49
CA LYS D 287 -17.81 36.60 -27.10
C LYS D 287 -16.82 35.90 -28.02
N LYS D 288 -16.29 36.62 -29.01
CA LYS D 288 -15.35 36.01 -29.94
C LYS D 288 -14.02 35.71 -29.25
N VAL D 289 -13.31 34.66 -29.72
CA VAL D 289 -11.95 34.41 -29.29
C VAL D 289 -11.05 35.49 -29.91
N LYS D 290 -10.15 36.07 -29.10
CA LYS D 290 -9.12 36.97 -29.59
C LYS D 290 -7.78 36.25 -29.70
N ALA D 291 -7.40 35.54 -28.63
CA ALA D 291 -6.16 34.81 -28.63
C ALA D 291 -6.20 33.65 -27.64
N VAL D 292 -5.31 32.69 -27.88
CA VAL D 292 -5.07 31.57 -27.00
C VAL D 292 -3.57 31.52 -26.68
N PHE D 293 -3.25 31.69 -25.40
CA PHE D 293 -1.91 31.48 -24.89
C PHE D 293 -1.67 30.01 -24.57
N SER D 294 -0.68 29.41 -25.23
CA SER D 294 -0.18 28.11 -24.84
C SER D 294 0.70 28.33 -23.63
N GLY D 295 0.08 28.33 -22.43
CA GLY D 295 0.80 28.68 -21.21
C GLY D 295 1.46 30.05 -21.36
N ALA D 296 2.77 30.12 -21.06
CA ALA D 296 3.57 31.32 -21.22
C ALA D 296 4.57 31.17 -22.37
N LEU D 297 4.18 30.42 -23.41
CA LEU D 297 5.13 30.00 -24.45
C LEU D 297 4.74 30.60 -25.80
N ASP D 298 3.53 30.31 -26.29
CA ASP D 298 3.09 30.74 -27.61
C ASP D 298 1.80 31.54 -27.46
N CYS D 299 1.50 32.40 -28.45
CA CYS D 299 0.22 33.07 -28.55
C CYS D 299 -0.36 32.86 -29.94
N PHE D 300 -1.54 32.21 -29.99
CA PHE D 300 -2.26 31.89 -31.21
C PHE D 300 -3.42 32.88 -31.37
N SER D 301 -3.72 33.28 -32.62
CA SER D 301 -4.83 34.16 -32.92
C SER D 301 -6.07 33.36 -33.28
N SER D 302 -7.19 34.08 -33.43
CA SER D 302 -8.49 33.54 -33.78
C SER D 302 -8.46 32.83 -35.14
N GLU D 303 -7.39 33.12 -35.90
CA GLU D 303 -7.20 32.56 -37.23
C GLU D 303 -6.44 31.23 -37.17
N GLU D 304 -6.01 30.81 -35.96
CA GLU D 304 -5.16 29.65 -35.79
C GLU D 304 -5.82 28.56 -34.94
N LEU D 305 -7.16 28.44 -35.00
CA LEU D 305 -7.91 27.57 -34.11
C LEU D 305 -8.04 26.16 -34.67
N ASP D 306 -7.94 26.03 -36.00
CA ASP D 306 -8.12 24.75 -36.67
C ASP D 306 -6.84 23.92 -36.69
N ILE D 307 -6.01 24.02 -35.66
CA ILE D 307 -4.76 23.29 -35.63
C ILE D 307 -4.91 22.09 -34.69
N PRO D 308 -4.24 20.94 -34.98
CA PRO D 308 -4.29 19.78 -34.09
C PRO D 308 -3.58 20.03 -32.75
N MET D 309 -4.16 19.48 -31.67
CA MET D 309 -3.57 19.58 -30.34
C MET D 309 -2.52 18.48 -30.20
N ASP D 310 -1.52 18.49 -31.09
CA ASP D 310 -0.44 17.51 -31.10
C ASP D 310 0.89 18.24 -31.05
N TYR D 311 1.98 17.50 -31.29
N TYR D 311 2.00 17.51 -31.27
CA TYR D 311 3.31 18.07 -31.27
CA TYR D 311 3.33 18.11 -31.25
C TYR D 311 3.85 18.23 -32.69
C TYR D 311 3.84 18.18 -32.68
N SER D 312 2.94 18.44 -33.64
CA SER D 312 3.33 18.68 -35.03
C SER D 312 3.86 20.10 -35.13
N PRO D 313 4.76 20.40 -36.10
CA PRO D 313 5.26 21.76 -36.31
C PRO D 313 4.13 22.78 -36.51
N LEU D 314 3.07 22.36 -37.20
CA LEU D 314 1.90 23.20 -37.43
C LEU D 314 0.87 23.00 -36.31
N GLY D 315 1.22 22.21 -35.30
CA GLY D 315 0.32 21.83 -34.23
C GLY D 315 0.39 22.79 -33.05
N PHE D 316 -0.34 22.47 -31.98
CA PHE D 316 -0.50 23.38 -30.86
C PHE D 316 0.79 23.39 -30.06
N GLY D 317 1.33 22.21 -29.79
CA GLY D 317 2.60 22.10 -29.08
C GLY D 317 2.44 22.31 -27.59
N GLY D 318 3.58 22.63 -26.95
CA GLY D 318 3.69 22.89 -25.53
C GLY D 318 3.33 21.66 -24.72
N THR D 319 2.53 21.90 -23.68
CA THR D 319 2.01 20.88 -22.81
C THR D 319 0.48 20.78 -22.99
N GLY D 320 -0.06 21.43 -24.02
CA GLY D 320 -1.49 21.43 -24.29
C GLY D 320 -2.26 22.37 -23.37
N THR D 321 -1.56 23.31 -22.75
CA THR D 321 -2.21 24.28 -21.88
C THR D 321 -2.92 25.34 -22.74
N VAL D 322 -4.25 25.46 -22.58
CA VAL D 322 -5.03 26.39 -23.37
C VAL D 322 -5.61 27.50 -22.48
N ILE D 323 -5.13 28.74 -22.67
CA ILE D 323 -5.70 29.89 -21.99
C ILE D 323 -6.41 30.76 -23.03
N VAL D 324 -7.73 30.91 -22.89
CA VAL D 324 -8.56 31.63 -23.85
C VAL D 324 -8.75 33.08 -23.38
N LEU D 325 -8.38 34.03 -24.26
CA LEU D 325 -8.73 35.44 -24.16
C LEU D 325 -9.77 35.78 -25.22
N THR D 326 -10.74 36.64 -24.86
CA THR D 326 -11.80 37.01 -25.79
C THR D 326 -11.66 38.48 -26.18
N GLU D 327 -12.55 38.94 -27.07
CA GLU D 327 -12.38 40.15 -27.85
C GLU D 327 -12.17 41.42 -27.01
N GLU D 328 -12.61 41.43 -25.74
CA GLU D 328 -12.51 42.61 -24.91
C GLU D 328 -11.25 42.59 -24.04
N ASP D 329 -10.48 41.50 -24.08
CA ASP D 329 -9.25 41.39 -23.31
C ASP D 329 -8.07 42.09 -24.00
N ASP D 330 -7.30 42.83 -23.20
CA ASP D 330 -6.24 43.70 -23.69
C ASP D 330 -4.95 42.89 -23.82
N ILE D 331 -4.40 42.77 -25.04
CA ILE D 331 -3.29 41.88 -25.30
C ILE D 331 -2.01 42.42 -24.64
N VAL D 332 -1.89 43.74 -24.55
CA VAL D 332 -0.71 44.38 -23.97
C VAL D 332 -0.69 44.11 -22.47
N GLU D 333 -1.87 44.20 -21.83
CA GLU D 333 -2.01 43.90 -20.41
C GLU D 333 -1.65 42.43 -20.16
N ALA D 334 -2.06 41.56 -21.07
CA ALA D 334 -1.78 40.14 -20.93
C ALA D 334 -0.28 39.90 -21.07
N ALA D 335 0.35 40.53 -22.07
CA ALA D 335 1.78 40.43 -22.31
C ALA D 335 2.55 40.88 -21.08
N LEU D 336 2.06 41.92 -20.42
CA LEU D 336 2.71 42.42 -19.22
C LEU D 336 2.81 41.28 -18.22
N LYS D 337 1.71 40.52 -18.05
CA LYS D 337 1.64 39.45 -17.07
C LYS D 337 2.65 38.35 -17.39
N ILE D 338 2.77 38.00 -18.68
CA ILE D 338 3.78 37.03 -19.11
C ILE D 338 5.19 37.55 -18.83
N ALA D 339 5.43 38.84 -19.06
CA ALA D 339 6.72 39.46 -18.81
C ALA D 339 7.07 39.38 -17.33
N GLU D 340 6.09 39.69 -16.48
CA GLU D 340 6.26 39.67 -15.03
C GLU D 340 6.63 38.26 -14.57
N PHE D 341 6.04 37.22 -15.18
CA PHE D 341 6.37 35.86 -14.80
C PHE D 341 7.86 35.59 -15.02
N TYR D 342 8.35 35.79 -16.24
CA TYR D 342 9.76 35.53 -16.54
C TYR D 342 10.64 36.40 -15.65
N GLU D 343 10.24 37.65 -15.40
CA GLU D 343 10.98 38.52 -14.50
C GLU D 343 11.20 37.83 -13.15
N HIS D 344 10.19 37.11 -12.66
CA HIS D 344 10.21 36.59 -11.30
C HIS D 344 10.91 35.24 -11.22
N GLU D 345 11.05 34.54 -12.36
CA GLU D 345 11.51 33.15 -12.36
C GLU D 345 12.92 32.94 -12.93
N THR D 346 13.55 33.96 -13.56
CA THR D 346 14.92 33.80 -14.06
C THR D 346 15.86 33.52 -12.89
N CYS D 347 16.77 32.54 -13.04
CA CYS D 347 17.69 32.23 -11.95
C CYS D 347 18.82 33.24 -11.85
N GLY D 348 19.18 33.92 -12.95
CA GLY D 348 20.14 35.01 -12.91
C GLY D 348 21.57 34.57 -13.24
N GLN D 349 21.77 33.29 -13.55
CA GLN D 349 23.10 32.77 -13.88
C GLN D 349 23.64 33.38 -15.17
N CYS D 350 22.75 33.62 -16.15
CA CYS D 350 23.14 34.15 -17.45
C CYS D 350 22.73 35.62 -17.52
N THR D 351 23.61 36.46 -18.09
CA THR D 351 23.44 37.90 -18.02
C THR D 351 22.26 38.34 -18.89
N PRO D 352 22.15 37.93 -20.17
CA PRO D 352 21.02 38.38 -20.99
C PRO D 352 19.64 37.94 -20.47
N CYS D 353 19.56 36.71 -19.96
CA CYS D 353 18.38 36.28 -19.25
C CYS D 353 18.16 37.12 -17.97
N ARG D 354 19.19 37.24 -17.12
N ARG D 354 19.18 37.23 -17.12
CA ARG D 354 19.05 37.94 -15.86
CA ARG D 354 19.03 37.94 -15.86
C ARG D 354 18.49 39.34 -16.11
C ARG D 354 18.49 39.34 -16.11
N VAL D 355 19.13 40.10 -17.01
CA VAL D 355 18.82 41.51 -17.18
C VAL D 355 17.65 41.70 -18.14
N GLY D 356 17.54 40.84 -19.16
CA GLY D 356 16.47 40.93 -20.14
C GLY D 356 15.09 40.61 -19.56
N CYS D 357 14.99 39.56 -18.73
CA CYS D 357 13.73 39.27 -18.07
C CYS D 357 13.30 40.51 -17.25
N TYR D 358 14.23 41.16 -16.53
CA TYR D 358 13.84 42.27 -15.66
C TYR D 358 13.44 43.49 -16.50
N GLU D 359 14.25 43.82 -17.53
CA GLU D 359 14.04 44.98 -18.37
C GLU D 359 12.80 44.85 -19.24
N GLN D 360 12.55 43.66 -19.79
CA GLN D 360 11.33 43.43 -20.57
C GLN D 360 10.08 43.81 -19.75
N ALA D 361 10.02 43.34 -18.51
CA ALA D 361 8.92 43.61 -17.61
C ALA D 361 8.88 45.08 -17.18
N ASN D 362 10.06 45.65 -16.91
CA ASN D 362 10.11 47.01 -16.41
C ASN D 362 9.65 47.99 -17.49
N LEU D 363 10.16 47.81 -18.71
CA LEU D 363 9.80 48.67 -19.84
C LEU D 363 8.35 48.42 -20.28
N LEU D 364 7.91 47.16 -20.32
CA LEU D 364 6.54 46.90 -20.71
C LEU D 364 5.58 47.55 -19.71
N GLU D 365 5.91 47.52 -18.41
CA GLU D 365 5.06 48.17 -17.42
C GLU D 365 4.90 49.67 -17.70
N LYS D 366 6.00 50.32 -18.14
CA LYS D 366 5.97 51.73 -18.45
C LYS D 366 5.18 51.99 -19.72
N ILE D 367 5.26 51.09 -20.70
CA ILE D 367 4.46 51.21 -21.92
C ILE D 367 2.98 51.14 -21.56
N TYR D 368 2.59 50.15 -20.75
CA TYR D 368 1.17 49.96 -20.43
C TYR D 368 0.63 51.15 -19.64
N LYS D 369 1.44 51.72 -18.73
CA LYS D 369 0.97 52.81 -17.87
C LYS D 369 1.08 54.16 -18.57
N GLY D 370 1.50 54.16 -19.84
CA GLY D 370 1.66 55.38 -20.62
C GLY D 370 2.78 56.30 -20.10
N GLU D 371 3.86 55.75 -19.56
CA GLU D 371 4.97 56.54 -19.03
C GLU D 371 6.25 56.29 -19.82
N ALA D 372 6.17 55.54 -20.93
CA ALA D 372 7.33 55.14 -21.70
C ALA D 372 7.78 56.28 -22.62
N THR D 373 9.08 56.60 -22.58
CA THR D 373 9.73 57.45 -23.56
C THR D 373 9.87 56.69 -24.89
N GLU D 374 10.25 57.41 -25.93
CA GLU D 374 10.57 56.82 -27.22
C GLU D 374 11.73 55.82 -27.10
N GLN D 375 12.74 56.11 -26.27
N GLN D 375 12.72 56.15 -26.26
CA GLN D 375 13.89 55.25 -26.16
CA GLN D 375 13.91 55.33 -26.08
C GLN D 375 13.54 53.98 -25.37
C GLN D 375 13.55 54.02 -25.36
N ASP D 376 12.53 54.08 -24.49
CA ASP D 376 12.06 52.92 -23.73
C ASP D 376 11.33 51.94 -24.65
N TRP D 377 10.54 52.47 -25.59
CA TRP D 377 9.91 51.68 -26.64
C TRP D 377 10.94 50.87 -27.44
N GLU D 378 11.97 51.56 -27.94
CA GLU D 378 13.00 50.93 -28.75
C GLU D 378 13.81 49.91 -27.94
N GLY D 379 14.05 50.24 -26.65
CA GLY D 379 14.76 49.37 -25.73
C GLY D 379 13.98 48.09 -25.46
N PHE D 380 12.68 48.23 -25.20
CA PHE D 380 11.81 47.09 -25.00
C PHE D 380 11.90 46.13 -26.19
N ASP D 381 11.79 46.69 -27.40
CA ASP D 381 11.88 45.89 -28.59
C ASP D 381 13.24 45.19 -28.66
N PHE D 382 14.31 45.90 -28.27
CA PHE D 382 15.64 45.33 -28.37
C PHE D 382 15.82 44.25 -27.31
N VAL D 383 15.36 44.47 -26.06
CA VAL D 383 15.64 43.48 -25.03
C VAL D 383 14.81 42.22 -25.32
N ASN D 384 13.58 42.38 -25.81
CA ASN D 384 12.73 41.25 -26.15
C ASN D 384 13.45 40.28 -27.10
N ARG D 385 14.28 40.83 -28.00
CA ARG D 385 14.98 40.01 -28.99
C ARG D 385 16.32 39.50 -28.45
N ASN D 386 16.66 39.78 -27.19
CA ASN D 386 18.04 39.63 -26.76
C ASN D 386 18.10 39.09 -25.34
N ILE D 387 17.14 38.20 -25.01
CA ILE D 387 17.14 37.50 -23.74
C ILE D 387 17.90 36.18 -23.89
N GLN D 388 17.81 35.58 -25.09
CA GLN D 388 18.28 34.24 -25.39
C GLN D 388 19.80 34.15 -25.35
N PRO D 389 20.60 35.07 -25.91
CA PRO D 389 22.06 34.86 -25.97
C PRO D 389 22.76 34.41 -24.69
N THR D 390 23.57 33.35 -24.85
CA THR D 390 24.44 32.77 -23.84
C THR D 390 23.65 31.90 -22.86
N SER D 391 22.33 31.81 -23.05
CA SER D 391 21.46 31.15 -22.08
C SER D 391 21.72 29.64 -22.08
N ILE D 392 21.72 29.02 -20.90
CA ILE D 392 22.09 27.62 -20.78
C ILE D 392 20.87 26.74 -20.52
N CYS D 393 19.68 27.32 -20.41
CA CYS D 393 18.46 26.54 -20.24
C CYS D 393 17.35 27.18 -21.07
N GLY D 394 16.18 26.53 -21.11
CA GLY D 394 15.11 26.89 -22.04
C GLY D 394 14.40 28.20 -21.68
N LEU D 395 14.49 28.64 -20.41
CA LEU D 395 13.74 29.81 -19.98
C LEU D 395 14.16 31.02 -20.80
N GLY D 396 15.48 31.23 -20.86
CA GLY D 396 16.06 32.36 -21.57
C GLY D 396 15.63 32.32 -23.03
N ALA D 397 15.63 31.10 -23.61
CA ALA D 397 15.33 30.95 -25.02
C ALA D 397 13.88 31.35 -25.31
N VAL D 398 12.97 31.29 -24.32
CA VAL D 398 11.55 31.47 -24.60
C VAL D 398 10.93 32.71 -23.90
N ALA D 399 11.66 33.42 -23.04
CA ALA D 399 11.11 34.49 -22.22
C ALA D 399 10.54 35.66 -23.04
N GLY D 400 10.97 35.78 -24.30
CA GLY D 400 10.47 36.82 -25.18
C GLY D 400 9.49 36.32 -26.25
N ARG D 401 9.27 34.99 -26.32
CA ARG D 401 8.64 34.34 -27.47
C ARG D 401 7.18 34.76 -27.60
N LEU D 402 6.39 34.53 -26.54
CA LEU D 402 4.97 34.81 -26.56
C LEU D 402 4.74 36.29 -26.89
N ILE D 403 5.43 37.15 -26.15
CA ILE D 403 5.30 38.60 -26.28
C ILE D 403 5.63 39.01 -27.72
N ARG D 404 6.67 38.42 -28.33
CA ARG D 404 7.03 38.71 -29.72
C ARG D 404 5.87 38.37 -30.66
N GLN D 405 5.22 37.22 -30.43
CA GLN D 405 4.08 36.82 -31.25
C GLN D 405 2.92 37.81 -31.09
N THR D 406 2.71 38.38 -29.90
CA THR D 406 1.65 39.37 -29.72
C THR D 406 1.97 40.63 -30.53
N LEU D 407 3.25 41.01 -30.58
CA LEU D 407 3.67 42.19 -31.32
C LEU D 407 3.43 41.95 -32.81
N GLU D 408 3.64 40.72 -33.28
CA GLU D 408 3.50 40.39 -34.69
C GLU D 408 2.04 40.16 -35.07
N LYS D 409 1.22 39.65 -34.15
CA LYS D 409 -0.13 39.22 -34.50
C LYS D 409 -1.18 40.23 -34.03
N PHE D 410 -0.78 41.16 -33.15
CA PHE D 410 -1.69 42.20 -32.68
C PHE D 410 -1.01 43.57 -32.72
N PRO D 411 -0.59 44.06 -33.91
CA PRO D 411 0.14 45.33 -34.00
C PRO D 411 -0.73 46.56 -33.71
N GLU D 412 -2.01 46.49 -34.13
CA GLU D 412 -2.95 47.59 -33.98
C GLU D 412 -3.16 47.93 -32.49
N GLU D 413 -3.16 46.91 -31.61
CA GLU D 413 -3.36 47.13 -30.18
C GLU D 413 -2.11 47.70 -29.53
N TRP D 414 -0.94 47.23 -29.98
CA TRP D 414 0.32 47.79 -29.49
C TRP D 414 0.49 49.24 -29.94
N GLU D 415 0.17 49.51 -31.21
CA GLU D 415 0.31 50.85 -31.77
C GLU D 415 -0.49 51.84 -30.92
N LYS D 416 -1.69 51.45 -30.51
CA LYS D 416 -2.52 52.26 -29.62
C LYS D 416 -1.72 52.74 -28.40
N TYR D 417 -0.85 51.89 -27.85
CA TYR D 417 -0.02 52.27 -26.71
C TYR D 417 1.18 53.13 -27.14
N ARG D 418 1.72 52.92 -28.35
CA ARG D 418 2.87 53.67 -28.83
C ARG D 418 2.49 55.14 -29.05
N LYS D 419 1.23 55.40 -29.43
CA LYS D 419 0.73 56.75 -29.56
C LYS D 419 0.73 57.44 -28.17
FE1 FES E . -12.37 -16.90 4.92
FE2 FES E . -11.01 -16.83 7.24
S1 FES E . -10.19 -16.83 5.20
S2 FES E . -13.20 -16.74 6.95
S SO4 F . -13.43 -38.47 -1.27
O1 SO4 F . -13.27 -37.92 0.05
O2 SO4 F . -14.45 -39.49 -1.21
O3 SO4 F . -13.84 -37.42 -2.19
O4 SO4 F . -12.20 -39.04 -1.73
S SO4 G . 8.03 -49.42 14.28
O1 SO4 G . 7.72 -50.83 14.18
O2 SO4 G . 9.25 -49.27 15.03
O3 SO4 G . 8.19 -48.84 12.97
O4 SO4 G . 6.97 -48.74 14.98
NA NA H . -5.03 -6.57 5.44
NA NA I . -11.55 -36.59 0.95
NA NA J . -4.63 -20.44 3.07
FE1 SF4 K . -13.73 -34.02 19.73
FE2 SF4 K . -15.32 -36.13 20.05
FE3 SF4 K . -14.19 -35.67 17.61
FE4 SF4 K . -16.20 -34.05 18.59
S1 SF4 K . -16.35 -36.22 18.00
S2 SF4 K . -14.26 -33.38 17.59
S3 SF4 K . -15.70 -34.05 20.81
S4 SF4 K . -13.13 -36.20 19.58
C9A FNR L . -6.77 -26.69 19.33
N10 FNR L . -5.51 -26.15 19.65
CAA FNR L . -4.76 -25.54 18.66
N1 FNR L . -3.53 -25.07 19.00
C2 FNR L . -2.68 -24.51 18.09
O2 FNR L . -1.54 -24.18 18.39
N3 FNR L . -3.17 -24.41 16.81
C4 FNR L . -4.41 -24.82 16.35
O4 FNR L . -4.71 -24.63 15.19
C4A FNR L . -5.22 -25.44 17.36
N5 FNR L . -6.43 -25.95 17.04
C5A FNR L . -7.23 -26.59 18.00
C6 FNR L . -8.46 -27.14 17.64
C7 FNR L . -9.25 -27.78 18.60
C7M FNR L . -10.60 -28.33 18.20
C8 FNR L . -8.79 -27.86 19.93
C8M FNR L . -9.65 -28.48 21.01
C9 FNR L . -7.57 -27.32 20.27
C1' FNR L . -4.97 -26.26 21.01
C2' FNR L . -3.97 -27.41 21.12
O2' FNR L . -4.68 -28.61 21.40
C3' FNR L . -2.96 -27.11 22.23
O3' FNR L . -3.63 -26.52 23.35
C4' FNR L . -1.85 -26.14 21.81
O4' FNR L . -1.37 -26.39 20.49
C5' FNR L . -0.73 -26.16 22.83
O5' FNR L . 0.20 -25.11 22.53
P FNR L . 0.26 -23.82 23.51
O1P FNR L . 1.51 -23.11 23.00
O2P FNR L . 0.42 -24.35 24.92
O3P FNR L . -1.00 -23.01 23.33
C1 GOL M . 12.81 -2.62 4.88
O1 GOL M . 13.43 -3.76 5.45
C2 GOL M . 11.53 -3.02 4.16
O2 GOL M . 10.66 -1.90 4.00
C3 GOL M . 11.80 -3.61 2.80
O3 GOL M . 10.63 -4.26 2.31
C1 GOL N . -10.56 -23.79 21.66
O1 GOL N . -11.63 -23.37 20.81
C2 GOL N . -9.23 -23.72 20.93
O2 GOL N . -9.08 -22.38 20.46
C3 GOL N . -8.03 -24.17 21.75
O3 GOL N . -8.35 -25.06 22.83
C1 GOL O . -0.44 -30.62 27.52
O1 GOL O . -0.09 -31.97 27.25
C2 GOL O . -0.49 -30.33 29.01
O2 GOL O . -0.60 -28.92 29.24
C3 GOL O . -1.62 -31.04 29.74
O3 GOL O . -1.41 -31.05 31.15
S SO4 P . -17.60 -20.14 30.88
O1 SO4 P . -17.97 -19.39 32.06
O2 SO4 P . -17.45 -21.53 31.21
O3 SO4 P . -18.63 -19.99 29.88
O4 SO4 P . -16.36 -19.63 30.37
NA NA Q . -5.29 -29.22 9.11
NA NA R . -3.20 -19.89 15.72
NA NA S . 22.60 -22.54 33.39
FE1 FES T . -3.45 31.97 -11.12
FE2 FES T . -2.70 29.88 -12.63
S1 FES T . -3.45 29.85 -10.56
S2 FES T . -2.72 32.00 -13.19
S SO4 U . 28.41 12.19 0.48
O1 SO4 U . 28.47 12.47 -0.94
O2 SO4 U . 29.46 11.28 0.84
O3 SO4 U . 28.55 13.41 1.24
O4 SO4 U . 27.13 11.58 0.80
S SO4 V . 14.03 36.66 2.38
O1 SO4 V . 13.20 36.69 1.20
O2 SO4 V . 13.25 37.22 3.48
O3 SO4 V . 14.43 35.32 2.69
O4 SO4 V . 15.22 37.44 2.12
NA NA W . 13.21 34.81 -2.51
FE1 SF4 X . 20.31 30.98 -17.60
FE2 SF4 X . 18.85 30.70 -15.35
FE3 SF4 X . 18.08 29.43 -17.61
FE4 SF4 X . 17.88 32.15 -17.43
S1 SF4 X . 16.78 30.63 -16.16
S2 SF4 X . 18.68 30.93 -19.19
S3 SF4 X . 19.68 32.62 -16.14
S4 SF4 X . 20.01 29.06 -16.45
C9A FNR Y . 10.77 22.49 -17.67
N10 FNR Y . 10.30 21.14 -17.73
CAA FNR Y . 9.31 20.76 -16.86
N1 FNR Y . 8.87 19.46 -16.90
C2 FNR Y . 7.92 18.97 -16.07
O2 FNR Y . 7.61 17.79 -16.07
N3 FNR Y . 7.36 19.88 -15.20
C4 FNR Y . 7.69 21.23 -15.09
O4 FNR Y . 7.10 21.97 -14.28
C4A FNR Y . 8.74 21.63 -15.98
N5 FNR Y . 9.17 22.91 -15.91
C5A FNR Y . 10.20 23.35 -16.73
C6 FNR Y . 10.63 24.68 -16.64
C7 FNR Y . 11.63 25.15 -17.48
C7M FNR Y . 12.06 26.58 -17.38
C8 FNR Y . 12.20 24.28 -18.41
C8M FNR Y . 13.26 24.77 -19.38
C9 FNR Y . 11.78 22.96 -18.50
C1' FNR Y . 10.90 20.18 -18.67
C2' FNR Y . 11.93 19.31 -17.97
O2' FNR Y . 13.21 19.95 -17.97
C3' FNR Y . 12.03 17.95 -18.68
O3' FNR Y . 12.04 18.13 -20.09
C4' FNR Y . 10.90 16.97 -18.34
O4' FNR Y . 10.59 16.97 -16.95
C5' FNR Y . 11.25 15.58 -18.79
O5' FNR Y . 10.10 14.72 -18.63
P FNR Y . 9.28 14.23 -19.94
O1P FNR Y . 10.30 13.70 -20.94
O2P FNR Y . 8.40 13.12 -19.37
O3P FNR Y . 8.50 15.44 -20.42
S1 MPO Z . 17.85 13.97 -20.65
O1 MPO Z . 18.75 13.09 -19.94
O2 MPO Z . 17.92 15.35 -20.26
O4 MPO Z . 22.20 12.13 -25.95
N1 MPO Z . 19.69 12.87 -24.80
C1 MPO Z . 18.28 13.93 -22.37
O3 MPO Z . 16.37 13.48 -20.65
C2 MPO Z . 17.88 12.64 -23.05
C3 MPO Z . 18.26 12.62 -24.52
C4 MPO Z . 20.56 11.84 -24.21
C5 MPO Z . 22.01 12.08 -24.54
C6 MPO Z . 21.37 13.13 -26.54
C7 MPO Z . 19.91 12.91 -26.25
C1 GOL AA . 21.77 -2.81 -13.94
O1 GOL AA . 20.38 -2.64 -14.15
C2 GOL AA . 22.47 -3.44 -15.13
O2 GOL AA . 22.16 -2.76 -16.34
C3 GOL AA . 23.97 -3.47 -14.94
O3 GOL AA . 24.51 -2.17 -14.72
C1 GOL BA . 21.49 44.92 -23.19
O1 GOL BA . 22.90 45.11 -23.22
C2 GOL BA . 21.12 43.46 -23.18
O2 GOL BA . 22.02 42.73 -22.35
C3 GOL BA . 19.69 43.22 -22.73
O3 GOL BA . 19.40 41.84 -22.57
S SO4 CA . -18.36 9.21 -6.47
O1 SO4 CA . -19.40 8.54 -5.74
O2 SO4 CA . -18.96 9.93 -7.56
O3 SO4 CA . -17.67 10.15 -5.60
O4 SO4 CA . -17.43 8.22 -6.99
NA NA DA . 9.27 24.65 -7.49
#